data_4Q4E
#
_entry.id   4Q4E
#
_cell.length_a   120.450
_cell.length_b   120.450
_cell.length_c   170.748
_cell.angle_alpha   90.00
_cell.angle_beta   90.00
_cell.angle_gamma   120.00
#
_symmetry.space_group_name_H-M   'P 31 2 1'
#
loop_
_entity.id
_entity.type
_entity.pdbx_description
1 polymer 'Aminopeptidase N'
2 non-polymer 'ZINC ION'
3 non-polymer ACTINONIN
4 non-polymer GLYCEROL
5 non-polymer 'SODIUM ION'
6 water water
#
_entity_poly.entity_id   1
_entity_poly.type   'polypeptide(L)'
_entity_poly.pdbx_seq_one_letter_code
;MGSSHHHHHHSSGENLYFQGHMTQQPQAKYRHDYRAPDYQITDIDLTFDLDAQKTVVTAVSQAVRHGASDAPLRLNGEDL
KLVSVHINDEPWTAWKEEEGALVISNLPERFTLKIINEISPAANTALEGLYQSGDALCTQCEAEGFRHITYYLDRPDVLA
RFTTKIIADKIKYPFLLSNGNRVAQGELENGRHWVQWQDPFPKPCYLFALVAGDFDVLRDTFTTRSGREVALELYVDRGN
LDRAPWAMTSLKNSMKWDEERFGLEYDLDIYMIVAVDFFNMGAMENKGLNIFNSKYVLARTDTATDKDYLDIERVIGHEY
FHNWTGNRVTCRDWFQLSLKEGLTVFRDQEFSSDLGSRAVNRINNVRTMRGLQFAEDASPMAHPIRPDMVIEMNNFYTLT
VYEKGAEVIRMIHTLLGEENFQKGMQLYFERHDGSAATCDDFVQAMEDASNVDLSHFRRWYSQSGTPIVTVKDDYNPETE
QYTLTISQRTPATPDQAEKQPLHIPFAIELYDNEGKVIPLQKGGHPVNSVLNVTQAEQTFVFDNVYFQPVPALLCEFSAP
VKLEYKWSDQQLTFLMRHARNDFSRWDAAQSLLATYIKLNVARHQQGQPLSLPVHVADAFRAVLLDEKIDPALAAEILTL
PSVNEMAELFDIIDPIAIAEVREALTRTLATELADELLAIYNANYQSEYRVEHEDIAKRTLRNACLRFLAFGETHLADVL
VSKQFHEANNMTDALAALSAAVAAQLPCRDALMQEYDDKWHQNGLVMDKWFILQATSPAANVLETVRGLLQHRSFTMSNP
NRIRSLIGAFAGSNPAAFHAEDGSGYLFLVEMLTDLNSRNPQVASRLIEPLIRLKRYDAKRQEKMRAALEQLKGLENLSG
DLYEKITKALA
;
_entity_poly.pdbx_strand_id   A
#
# COMPACT_ATOMS: atom_id res chain seq x y z
N PRO A 26 -27.39 -4.25 -5.26
CA PRO A 26 -26.09 -4.19 -4.53
C PRO A 26 -26.24 -3.34 -3.23
N GLN A 27 -26.37 -4.04 -2.13
CA GLN A 27 -26.89 -3.51 -0.85
C GLN A 27 -25.73 -3.20 0.15
N ALA A 28 -25.67 -2.03 0.73
CA ALA A 28 -24.67 -1.73 1.78
C ALA A 28 -24.81 -2.57 3.02
N LYS A 29 -23.67 -2.94 3.59
CA LYS A 29 -23.65 -3.50 4.90
C LYS A 29 -23.02 -2.56 5.89
N TYR A 30 -23.45 -2.71 7.15
CA TYR A 30 -23.08 -1.76 8.19
C TYR A 30 -22.42 -2.42 9.35
N ARG A 31 -21.40 -1.73 9.85
CA ARG A 31 -20.59 -2.21 10.98
C ARG A 31 -21.49 -2.43 12.21
N HIS A 32 -22.45 -1.52 12.43
CA HIS A 32 -23.29 -1.65 13.60
C HIS A 32 -24.24 -2.81 13.53
N ASP A 33 -24.40 -3.43 12.38
CA ASP A 33 -25.23 -4.65 12.28
C ASP A 33 -24.50 -5.93 12.59
N TYR A 34 -23.23 -5.87 12.99
CA TYR A 34 -22.54 -7.11 13.31
C TYR A 34 -23.31 -7.96 14.31
N ARG A 35 -23.41 -9.26 14.07
CA ARG A 35 -23.94 -10.18 15.10
C ARG A 35 -23.19 -11.50 15.02
N ALA A 36 -22.93 -12.13 16.16
CA ALA A 36 -22.24 -13.43 16.17
C ALA A 36 -22.97 -14.45 15.25
N PRO A 37 -22.20 -15.35 14.63
CA PRO A 37 -22.79 -16.29 13.77
C PRO A 37 -23.75 -17.30 14.48
N ASP A 38 -24.83 -17.64 13.79
CA ASP A 38 -25.77 -18.63 14.29
C ASP A 38 -25.11 -20.03 14.35
N TYR A 39 -24.20 -20.29 13.43
CA TYR A 39 -23.45 -21.54 13.36
C TYR A 39 -21.98 -21.30 13.26
N GLN A 40 -21.21 -22.15 13.93
CA GLN A 40 -19.77 -22.27 13.72
C GLN A 40 -19.42 -23.47 12.96
N ILE A 41 -18.28 -23.42 12.24
CA ILE A 41 -17.67 -24.57 11.69
C ILE A 41 -16.34 -24.77 12.35
N THR A 42 -16.10 -25.94 12.91
CA THR A 42 -14.87 -26.18 13.65
C THR A 42 -13.75 -26.83 12.91
N ASP A 43 -14.10 -27.66 11.93
CA ASP A 43 -13.20 -28.50 11.16
C ASP A 43 -13.76 -28.68 9.76
N ILE A 44 -12.91 -28.55 8.75
CA ILE A 44 -13.33 -28.78 7.38
C ILE A 44 -12.28 -29.60 6.65
N ASP A 45 -12.77 -30.64 5.96
CA ASP A 45 -11.98 -31.55 5.21
C ASP A 45 -12.36 -31.37 3.72
N LEU A 46 -11.44 -30.85 2.96
CA LEU A 46 -11.67 -30.51 1.54
C LEU A 46 -10.96 -31.53 0.65
N THR A 47 -11.62 -31.90 -0.42
CA THR A 47 -10.99 -32.63 -1.49
C THR A 47 -11.20 -31.86 -2.79
N PHE A 48 -10.12 -31.67 -3.56
CA PHE A 48 -10.24 -31.07 -4.82
C PHE A 48 -9.85 -32.07 -5.88
N ASP A 49 -10.76 -32.38 -6.78
CA ASP A 49 -10.39 -33.10 -7.97
C ASP A 49 -10.16 -32.04 -9.07
N LEU A 50 -8.89 -31.73 -9.33
CA LEU A 50 -8.53 -30.50 -10.06
C LEU A 50 -8.46 -30.73 -11.51
N ASP A 51 -9.02 -29.79 -12.27
CA ASP A 51 -8.92 -29.71 -13.66
C ASP A 51 -9.29 -28.26 -14.01
N ALA A 52 -8.63 -27.70 -15.02
CA ALA A 52 -8.85 -26.33 -15.38
C ALA A 52 -10.26 -26.03 -15.86
N GLN A 53 -10.88 -26.94 -16.58
CA GLN A 53 -12.23 -26.71 -17.09
C GLN A 53 -13.26 -27.04 -16.06
N LYS A 54 -13.04 -28.10 -15.28
CA LYS A 54 -14.02 -28.47 -14.28
C LYS A 54 -13.37 -29.14 -13.05
N THR A 55 -13.34 -28.36 -12.00
CA THR A 55 -12.90 -28.80 -10.70
C THR A 55 -14.05 -29.24 -9.83
N VAL A 56 -13.92 -30.42 -9.21
CA VAL A 56 -14.87 -30.92 -8.30
C VAL A 56 -14.38 -30.79 -6.88
N VAL A 57 -15.17 -30.10 -6.07
CA VAL A 57 -14.83 -29.82 -4.67
C VAL A 57 -15.75 -30.60 -3.76
N THR A 58 -15.19 -31.37 -2.81
CA THR A 58 -15.98 -32.09 -1.79
C THR A 58 -15.55 -31.48 -0.48
N ALA A 59 -16.48 -30.92 0.29
CA ALA A 59 -16.23 -30.24 1.52
C ALA A 59 -17.05 -30.85 2.64
N VAL A 60 -16.36 -31.45 3.60
CA VAL A 60 -16.96 -32.02 4.77
C VAL A 60 -16.66 -31.16 5.98
N SER A 61 -17.69 -30.50 6.52
CA SER A 61 -17.55 -29.57 7.61
C SER A 61 -18.27 -30.06 8.87
N GLN A 62 -17.61 -29.91 10.03
CA GLN A 62 -18.21 -30.17 11.33
C GLN A 62 -18.74 -28.92 11.92
N ALA A 63 -20.08 -28.82 11.98
CA ALA A 63 -20.77 -27.61 12.35
C ALA A 63 -21.41 -27.72 13.74
N VAL A 64 -21.52 -26.59 14.39
CA VAL A 64 -22.13 -26.45 15.72
C VAL A 64 -23.01 -25.24 15.76
N ARG A 65 -24.25 -25.43 16.15
CA ARG A 65 -25.21 -24.32 16.24
C ARG A 65 -25.00 -23.56 17.54
N HIS A 66 -24.90 -22.23 17.44
CA HIS A 66 -24.79 -21.33 18.57
C HIS A 66 -26.01 -20.47 18.71
N GLY A 67 -26.75 -20.23 17.63
CA GLY A 67 -27.92 -19.44 17.69
C GLY A 67 -29.20 -20.15 18.01
N ALA A 68 -30.31 -19.58 17.59
CA ALA A 68 -31.61 -20.15 17.94
C ALA A 68 -31.83 -21.47 17.25
N SER A 69 -32.57 -22.34 17.93
CA SER A 69 -32.86 -23.69 17.43
C SER A 69 -33.42 -23.73 16.10
N ASP A 70 -34.24 -22.77 15.75
CA ASP A 70 -34.87 -22.72 14.42
C ASP A 70 -34.14 -21.86 13.38
N ALA A 71 -32.90 -21.45 13.69
CA ALA A 71 -32.19 -20.57 12.72
C ALA A 71 -31.60 -21.52 11.61
N PRO A 72 -31.79 -21.17 10.34
CA PRO A 72 -31.21 -22.01 9.28
C PRO A 72 -29.74 -21.73 9.18
N LEU A 73 -28.99 -22.62 8.59
CA LEU A 73 -27.59 -22.35 8.29
C LEU A 73 -27.56 -21.67 6.94
N ARG A 74 -26.91 -20.51 6.85
CA ARG A 74 -26.90 -19.77 5.59
C ARG A 74 -25.49 -19.73 5.07
N LEU A 75 -25.21 -20.45 3.98
CA LEU A 75 -23.85 -20.57 3.48
C LEU A 75 -23.70 -19.61 2.32
N ASN A 76 -22.55 -18.93 2.21
CA ASN A 76 -22.30 -18.11 1.07
C ASN A 76 -21.80 -18.99 -0.05
N GLY A 77 -22.20 -18.65 -1.26
CA GLY A 77 -21.63 -19.28 -2.45
C GLY A 77 -21.87 -18.44 -3.67
N GLU A 78 -20.86 -18.35 -4.53
CA GLU A 78 -20.97 -17.56 -5.74
CA GLU A 78 -20.97 -17.54 -5.73
C GLU A 78 -20.40 -18.35 -6.88
N ASP A 79 -21.17 -18.42 -7.97
CA ASP A 79 -20.80 -19.14 -9.20
C ASP A 79 -20.40 -20.60 -8.97
N LEU A 80 -21.18 -21.34 -8.19
CA LEU A 80 -20.93 -22.74 -7.83
C LEU A 80 -22.00 -23.57 -8.52
N LYS A 81 -21.66 -24.73 -9.02
CA LYS A 81 -22.69 -25.70 -9.47
C LYS A 81 -22.83 -26.70 -8.38
N LEU A 82 -23.95 -26.68 -7.66
CA LEU A 82 -24.18 -27.62 -6.56
C LEU A 82 -24.48 -29.01 -7.08
N VAL A 83 -23.79 -30.01 -6.55
CA VAL A 83 -23.99 -31.40 -6.92
C VAL A 83 -24.79 -32.16 -5.86
N SER A 84 -24.45 -31.96 -4.60
CA SER A 84 -25.15 -32.63 -3.52
C SER A 84 -24.91 -32.01 -2.17
N VAL A 85 -25.90 -32.25 -1.30
CA VAL A 85 -25.91 -31.73 0.10
C VAL A 85 -26.36 -32.84 0.99
N HIS A 86 -25.49 -33.29 1.89
CA HIS A 86 -25.82 -34.24 2.90
C HIS A 86 -25.56 -33.74 4.33
N ILE A 87 -26.37 -34.16 5.26
CA ILE A 87 -26.25 -33.85 6.70
C ILE A 87 -26.19 -35.18 7.41
N ASN A 88 -25.05 -35.45 8.06
CA ASN A 88 -24.68 -36.75 8.60
C ASN A 88 -24.94 -37.88 7.62
N ASP A 89 -24.47 -37.72 6.39
CA ASP A 89 -24.68 -38.63 5.27
C ASP A 89 -26.08 -38.83 4.76
N GLU A 90 -27.04 -38.13 5.29
CA GLU A 90 -28.43 -38.10 4.75
C GLU A 90 -28.58 -37.07 3.65
N PRO A 91 -28.91 -37.52 2.41
CA PRO A 91 -29.21 -36.47 1.41
C PRO A 91 -30.31 -35.53 1.91
N TRP A 92 -30.05 -34.23 1.90
CA TRP A 92 -30.93 -33.29 2.56
C TRP A 92 -32.01 -32.75 1.60
N THR A 93 -33.24 -32.54 2.12
CA THR A 93 -34.32 -31.95 1.32
C THR A 93 -34.67 -30.56 1.77
N ALA A 94 -34.39 -30.24 3.05
CA ALA A 94 -34.80 -28.97 3.64
C ALA A 94 -33.75 -27.86 3.38
N TRP A 95 -33.70 -27.45 2.13
CA TRP A 95 -32.74 -26.42 1.71
C TRP A 95 -33.21 -25.67 0.51
N LYS A 96 -32.62 -24.50 0.27
CA LYS A 96 -32.88 -23.85 -0.97
C LYS A 96 -31.70 -23.00 -1.32
N GLU A 97 -31.53 -22.80 -2.60
CA GLU A 97 -30.52 -21.87 -3.09
C GLU A 97 -31.17 -20.54 -3.37
N GLU A 98 -30.55 -19.50 -2.93
CA GLU A 98 -30.93 -18.13 -3.29
C GLU A 98 -29.72 -17.38 -3.74
N GLU A 99 -29.95 -16.13 -4.03
CA GLU A 99 -28.94 -15.27 -4.60
C GLU A 99 -27.75 -15.25 -3.59
N GLY A 100 -26.64 -15.74 -4.04
CA GLY A 100 -25.40 -15.80 -3.24
C GLY A 100 -25.42 -16.77 -2.07
N ALA A 101 -26.42 -17.65 -2.00
CA ALA A 101 -26.53 -18.44 -0.76
C ALA A 101 -27.16 -19.82 -0.89
N LEU A 102 -26.81 -20.72 0.04
CA LEU A 102 -27.47 -22.00 0.19
C LEU A 102 -27.96 -21.96 1.61
N VAL A 103 -29.27 -22.07 1.78
CA VAL A 103 -29.89 -21.86 3.08
C VAL A 103 -30.44 -23.20 3.52
N ILE A 104 -29.90 -23.76 4.61
CA ILE A 104 -30.23 -25.15 5.00
C ILE A 104 -30.99 -25.09 6.33
N SER A 105 -32.18 -25.66 6.32
CA SER A 105 -33.08 -25.60 7.47
C SER A 105 -33.16 -26.91 8.27
N ASN A 106 -33.72 -26.79 9.46
CA ASN A 106 -34.17 -27.93 10.30
C ASN A 106 -33.01 -28.83 10.68
N LEU A 107 -31.94 -28.23 11.22
CA LEU A 107 -30.76 -28.94 11.48
C LEU A 107 -30.59 -29.38 12.92
N PRO A 108 -29.80 -30.44 13.15
CA PRO A 108 -29.44 -30.67 14.54
C PRO A 108 -28.47 -29.64 15.09
N GLU A 109 -28.20 -29.72 16.37
CA GLU A 109 -27.31 -28.80 17.05
C GLU A 109 -25.87 -28.99 16.66
N ARG A 110 -25.48 -30.23 16.40
CA ARG A 110 -24.13 -30.55 15.92
C ARG A 110 -24.28 -31.58 14.79
N PHE A 111 -23.53 -31.41 13.71
CA PHE A 111 -23.69 -32.28 12.53
C PHE A 111 -22.55 -32.16 11.60
N THR A 112 -22.49 -33.10 10.67
CA THR A 112 -21.53 -33.12 9.58
C THR A 112 -22.22 -32.71 8.33
N LEU A 113 -21.79 -31.58 7.74
CA LEU A 113 -22.27 -31.12 6.45
C LEU A 113 -21.34 -31.63 5.37
N LYS A 114 -21.86 -32.24 4.34
CA LYS A 114 -21.09 -32.57 3.16
C LYS A 114 -21.67 -31.97 1.89
N ILE A 115 -20.87 -31.12 1.25
CA ILE A 115 -21.22 -30.45 0.01
C ILE A 115 -20.30 -30.93 -1.09
N ILE A 116 -20.82 -31.26 -2.26
CA ILE A 116 -20.11 -31.42 -3.47
C ILE A 116 -20.57 -30.39 -4.46
N ASN A 117 -19.63 -29.72 -5.11
CA ASN A 117 -19.90 -28.69 -6.12
C ASN A 117 -18.80 -28.61 -7.13
N GLU A 118 -19.13 -28.00 -8.26
CA GLU A 118 -18.20 -27.84 -9.31
C GLU A 118 -17.91 -26.35 -9.53
N ILE A 119 -16.70 -26.08 -9.99
CA ILE A 119 -16.24 -24.72 -10.34
C ILE A 119 -15.43 -24.83 -11.64
N SER A 120 -15.11 -23.71 -12.27
CA SER A 120 -14.40 -23.75 -13.55
C SER A 120 -13.25 -22.74 -13.53
N PRO A 121 -12.06 -23.17 -13.16
CA PRO A 121 -10.97 -22.20 -13.06
C PRO A 121 -10.61 -21.45 -14.31
N ALA A 122 -10.72 -22.13 -15.44
CA ALA A 122 -10.45 -21.54 -16.76
C ALA A 122 -11.30 -20.38 -17.10
N ALA A 123 -12.53 -20.37 -16.66
CA ALA A 123 -13.44 -19.25 -16.89
C ALA A 123 -13.22 -18.07 -15.98
N ASN A 124 -12.36 -18.18 -14.98
CA ASN A 124 -12.23 -17.20 -13.94
C ASN A 124 -11.28 -16.09 -14.38
N THR A 125 -11.84 -15.01 -14.92
CA THR A 125 -11.03 -13.90 -15.38
C THR A 125 -10.85 -12.88 -14.29
N ALA A 126 -11.67 -12.90 -13.25
CA ALA A 126 -11.59 -11.90 -12.17
C ALA A 126 -10.48 -12.19 -11.16
N LEU A 127 -9.96 -13.41 -11.22
CA LEU A 127 -8.85 -13.88 -10.41
C LEU A 127 -9.21 -13.86 -8.93
N GLU A 128 -10.42 -14.27 -8.65
CA GLU A 128 -10.95 -14.34 -7.33
C GLU A 128 -11.48 -15.78 -7.13
N GLY A 129 -11.08 -16.49 -6.06
CA GLY A 129 -11.31 -17.91 -5.88
C GLY A 129 -10.16 -18.73 -6.49
N LEU A 130 -10.53 -19.80 -7.20
CA LEU A 130 -9.57 -20.68 -7.83
C LEU A 130 -9.50 -20.34 -9.30
N TYR A 131 -8.32 -20.04 -9.77
CA TYR A 131 -8.15 -19.60 -11.11
C TYR A 131 -6.81 -20.01 -11.71
N GLN A 132 -6.57 -19.68 -12.96
CA GLN A 132 -5.29 -20.06 -13.59
C GLN A 132 -4.34 -18.88 -13.66
N SER A 133 -3.09 -19.12 -13.39
CA SER A 133 -2.01 -18.12 -13.60
C SER A 133 -1.03 -18.79 -14.53
N GLY A 134 -1.12 -18.44 -15.82
CA GLY A 134 -0.39 -19.26 -16.89
C GLY A 134 -0.92 -20.71 -16.87
N ASP A 135 -0.05 -21.68 -16.65
CA ASP A 135 -0.48 -23.10 -16.61
C ASP A 135 -0.71 -23.57 -15.15
N ALA A 136 -0.39 -22.71 -14.18
CA ALA A 136 -0.66 -23.07 -12.77
C ALA A 136 -2.09 -22.74 -12.35
N LEU A 137 -2.52 -23.43 -11.32
CA LEU A 137 -3.75 -23.13 -10.65
C LEU A 137 -3.41 -22.56 -9.26
N CYS A 138 -4.11 -21.48 -8.91
CA CYS A 138 -3.82 -20.81 -7.60
C CYS A 138 -5.04 -20.10 -7.13
N THR A 139 -5.01 -19.64 -5.89
CA THR A 139 -6.20 -19.08 -5.28
C THR A 139 -5.99 -17.64 -4.78
N GLN A 140 -7.11 -16.86 -4.75
CA GLN A 140 -7.20 -15.68 -3.91
CA GLN A 140 -7.26 -15.57 -4.03
C GLN A 140 -8.54 -15.72 -3.21
N CYS A 141 -8.43 -15.75 -1.89
CA CYS A 141 -9.61 -15.89 -1.01
C CYS A 141 -9.94 -14.66 -0.21
N GLU A 142 -9.02 -13.70 -0.10
CA GLU A 142 -9.35 -12.47 0.66
C GLU A 142 -9.98 -11.44 -0.31
N ALA A 143 -11.05 -10.74 0.09
CA ALA A 143 -11.76 -10.85 1.38
C ALA A 143 -12.77 -12.03 1.41
N GLU A 144 -13.47 -12.21 0.29
CA GLU A 144 -14.63 -13.11 0.18
C GLU A 144 -14.59 -13.99 -1.07
N GLY A 145 -13.42 -14.60 -1.26
CA GLY A 145 -13.14 -15.42 -2.43
C GLY A 145 -13.41 -16.90 -2.17
N PHE A 146 -13.40 -17.37 -0.92
CA PHE A 146 -13.55 -18.85 -0.70
C PHE A 146 -14.96 -19.27 -1.08
N ARG A 147 -15.93 -18.37 -0.96
CA ARG A 147 -17.32 -18.67 -1.37
C ARG A 147 -17.42 -18.89 -2.89
N HIS A 148 -16.37 -18.51 -3.65
CA HIS A 148 -16.30 -18.90 -5.08
C HIS A 148 -15.71 -20.29 -5.31
N ILE A 149 -15.34 -20.98 -4.25
CA ILE A 149 -14.78 -22.32 -4.29
C ILE A 149 -15.77 -23.35 -3.72
N THR A 150 -16.43 -23.05 -2.61
CA THR A 150 -17.48 -23.95 -2.14
C THR A 150 -18.43 -23.12 -1.27
N TYR A 151 -19.56 -23.69 -0.85
CA TYR A 151 -20.56 -23.04 -0.04
C TYR A 151 -20.01 -23.06 1.42
N TYR A 152 -19.89 -21.89 2.05
CA TYR A 152 -19.24 -21.84 3.34
C TYR A 152 -19.70 -20.67 4.17
N LEU A 153 -19.27 -20.66 5.41
CA LEU A 153 -19.46 -19.48 6.28
C LEU A 153 -18.29 -18.51 6.03
N ASP A 154 -18.44 -17.76 4.94
CA ASP A 154 -17.32 -16.96 4.42
C ASP A 154 -17.30 -15.61 5.13
N ARG A 155 -16.86 -15.69 6.38
CA ARG A 155 -16.81 -14.57 7.33
C ARG A 155 -15.65 -14.88 8.33
N PRO A 156 -14.90 -13.86 8.74
CA PRO A 156 -13.61 -14.16 9.35
C PRO A 156 -13.64 -14.47 10.84
N ASP A 157 -14.83 -14.39 11.45
CA ASP A 157 -15.06 -14.82 12.81
C ASP A 157 -15.39 -16.35 12.92
N VAL A 158 -15.50 -17.03 11.79
CA VAL A 158 -15.65 -18.50 11.77
C VAL A 158 -14.24 -19.10 11.48
N LEU A 159 -13.67 -19.74 12.49
CA LEU A 159 -12.36 -20.26 12.40
C LEU A 159 -12.37 -21.79 12.51
N ALA A 160 -11.79 -22.46 11.54
CA ALA A 160 -11.90 -23.92 11.41
C ALA A 160 -10.52 -24.51 11.10
N ARG A 161 -10.31 -25.74 11.54
CA ARG A 161 -9.11 -26.52 11.23
C ARG A 161 -9.27 -27.17 9.90
N PHE A 162 -8.44 -26.81 8.94
CA PHE A 162 -8.52 -27.32 7.60
C PHE A 162 -7.61 -28.55 7.35
N THR A 163 -8.13 -29.53 6.62
N THR A 163 -8.13 -29.49 6.54
CA THR A 163 -7.29 -30.45 5.92
CA THR A 163 -7.42 -30.63 5.97
C THR A 163 -7.75 -30.39 4.50
C THR A 163 -7.77 -30.64 4.52
N THR A 164 -6.77 -30.53 3.63
CA THR A 164 -6.98 -30.38 2.22
C THR A 164 -6.32 -31.45 1.42
N LYS A 165 -7.11 -32.21 0.66
CA LYS A 165 -6.59 -33.17 -0.27
C LYS A 165 -6.75 -32.70 -1.67
N ILE A 166 -5.69 -32.84 -2.44
CA ILE A 166 -5.63 -32.31 -3.82
C ILE A 166 -5.24 -33.45 -4.76
N ILE A 167 -6.08 -33.67 -5.75
CA ILE A 167 -5.95 -34.71 -6.73
C ILE A 167 -5.82 -34.07 -8.08
N ALA A 168 -4.78 -34.46 -8.84
CA ALA A 168 -4.57 -33.90 -10.13
C ALA A 168 -3.66 -34.76 -11.06
N ASP A 169 -3.65 -34.34 -12.30
CA ASP A 169 -2.68 -34.86 -13.29
C ASP A 169 -1.27 -34.59 -12.86
N LYS A 170 -0.48 -35.68 -12.79
CA LYS A 170 0.88 -35.55 -12.27
C LYS A 170 1.80 -34.78 -13.17
N ILE A 171 1.66 -34.96 -14.47
CA ILE A 171 2.53 -34.27 -15.41
C ILE A 171 2.22 -32.78 -15.44
N LYS A 172 0.96 -32.42 -15.45
CA LYS A 172 0.61 -31.00 -15.50
C LYS A 172 0.87 -30.32 -14.12
N TYR A 173 0.54 -31.03 -13.04
CA TYR A 173 0.61 -30.46 -11.67
C TYR A 173 1.44 -31.31 -10.77
N PRO A 174 2.75 -31.33 -10.98
CA PRO A 174 3.56 -32.12 -10.09
C PRO A 174 3.71 -31.60 -8.67
N PHE A 175 3.46 -30.30 -8.42
CA PHE A 175 3.44 -29.76 -7.06
C PHE A 175 2.00 -29.40 -6.72
N LEU A 176 1.49 -29.96 -5.63
CA LEU A 176 0.18 -29.75 -5.09
C LEU A 176 0.33 -29.24 -3.65
N LEU A 177 0.06 -27.94 -3.48
CA LEU A 177 0.35 -27.23 -2.24
C LEU A 177 -0.93 -26.68 -1.62
N SER A 178 -1.04 -26.84 -0.31
CA SER A 178 -1.97 -26.10 0.51
C SER A 178 -1.32 -25.78 1.85
N ASN A 179 -2.10 -25.15 2.71
CA ASN A 179 -1.61 -24.66 4.01
C ASN A 179 -1.18 -25.83 4.90
N GLY A 180 -0.07 -25.62 5.61
CA GLY A 180 0.38 -26.48 6.70
C GLY A 180 1.46 -27.47 6.34
N ASN A 181 1.25 -28.74 6.76
CA ASN A 181 2.20 -29.81 6.51
C ASN A 181 1.60 -30.95 5.69
N ARG A 182 2.39 -31.66 4.92
CA ARG A 182 1.95 -32.87 4.24
C ARG A 182 1.72 -33.99 5.12
N VAL A 183 0.56 -34.54 5.07
CA VAL A 183 0.24 -35.60 5.96
C VAL A 183 -0.06 -36.95 5.23
N ALA A 184 -0.33 -36.90 3.94
CA ALA A 184 -0.62 -38.11 3.15
C ALA A 184 -0.37 -37.79 1.73
N GLN A 185 -0.10 -38.83 0.96
CA GLN A 185 0.12 -38.73 -0.44
C GLN A 185 -0.08 -40.11 -1.09
N GLY A 186 -0.41 -40.07 -2.36
CA GLY A 186 -0.68 -41.28 -3.14
C GLY A 186 -0.67 -41.08 -4.61
N GLU A 187 -0.70 -42.20 -5.31
CA GLU A 187 -0.72 -42.19 -6.75
C GLU A 187 -1.94 -42.98 -7.18
N LEU A 188 -2.48 -42.61 -8.35
CA LEU A 188 -3.71 -43.19 -8.76
C LEU A 188 -3.54 -43.65 -10.21
N GLU A 189 -4.58 -44.26 -10.72
CA GLU A 189 -4.55 -44.63 -12.13
C GLU A 189 -4.65 -43.40 -13.02
N ASN A 190 -4.26 -43.64 -14.27
CA ASN A 190 -4.40 -42.68 -15.33
C ASN A 190 -3.55 -41.44 -15.11
N GLY A 191 -2.38 -41.58 -14.56
CA GLY A 191 -1.43 -40.47 -14.46
C GLY A 191 -1.77 -39.40 -13.38
N ARG A 192 -2.68 -39.70 -12.47
N ARG A 192 -2.71 -39.68 -12.50
CA ARG A 192 -3.04 -38.77 -11.39
CA ARG A 192 -3.07 -38.76 -11.39
C ARG A 192 -2.43 -39.14 -10.03
C ARG A 192 -2.23 -39.07 -10.15
N HIS A 193 -2.18 -38.10 -9.25
CA HIS A 193 -1.61 -38.26 -7.95
C HIS A 193 -2.28 -37.28 -7.00
N TRP A 194 -2.01 -37.47 -5.73
CA TRP A 194 -2.66 -36.62 -4.70
C TRP A 194 -1.74 -36.39 -3.51
N VAL A 195 -1.99 -35.27 -2.85
CA VAL A 195 -1.29 -34.86 -1.65
C VAL A 195 -2.36 -34.33 -0.70
N GLN A 196 -2.23 -34.63 0.57
CA GLN A 196 -3.12 -34.08 1.60
C GLN A 196 -2.29 -33.33 2.60
N TRP A 197 -2.86 -32.20 3.01
CA TRP A 197 -2.26 -31.16 3.87
C TRP A 197 -3.13 -31.01 5.09
N GLN A 198 -2.50 -30.69 6.20
CA GLN A 198 -3.17 -30.31 7.37
C GLN A 198 -2.51 -29.13 7.99
N ASP A 199 -3.31 -28.17 8.42
CA ASP A 199 -2.84 -26.97 9.12
C ASP A 199 -3.47 -26.98 10.50
N PRO A 200 -2.68 -27.11 11.55
CA PRO A 200 -3.32 -27.25 12.84
C PRO A 200 -3.97 -26.06 13.39
N PHE A 201 -3.64 -24.88 12.87
CA PHE A 201 -4.22 -23.65 13.48
C PHE A 201 -5.55 -23.34 12.86
N PRO A 202 -6.57 -23.18 13.68
CA PRO A 202 -7.88 -22.72 13.18
C PRO A 202 -7.74 -21.39 12.45
N LYS A 203 -8.40 -21.29 11.31
CA LYS A 203 -8.32 -20.14 10.46
C LYS A 203 -9.65 -19.78 9.85
N PRO A 204 -9.84 -18.48 9.57
CA PRO A 204 -10.96 -18.06 8.69
C PRO A 204 -10.63 -18.47 7.27
N CYS A 205 -11.63 -18.68 6.42
CA CYS A 205 -11.34 -19.20 5.12
C CYS A 205 -10.61 -18.26 4.20
N TYR A 206 -10.54 -16.95 4.55
CA TYR A 206 -9.81 -16.04 3.69
C TYR A 206 -8.32 -16.36 3.64
N LEU A 207 -7.85 -17.15 4.59
CA LEU A 207 -6.46 -17.57 4.68
C LEU A 207 -6.16 -18.92 4.08
N PHE A 208 -7.19 -19.54 3.53
CA PHE A 208 -7.04 -20.75 2.73
C PHE A 208 -6.26 -20.44 1.42
N ALA A 209 -5.34 -21.35 1.07
CA ALA A 209 -4.73 -21.32 -0.23
C ALA A 209 -4.52 -22.72 -0.82
N LEU A 210 -4.49 -22.72 -2.14
CA LEU A 210 -4.19 -23.90 -2.96
C LEU A 210 -3.38 -23.45 -4.14
N VAL A 211 -2.32 -24.21 -4.42
CA VAL A 211 -1.50 -23.99 -5.62
C VAL A 211 -1.21 -25.37 -6.24
N ALA A 212 -1.37 -25.43 -7.54
CA ALA A 212 -0.96 -26.63 -8.30
C ALA A 212 -0.22 -26.21 -9.56
N GLY A 213 0.92 -26.82 -9.81
CA GLY A 213 1.64 -26.52 -11.03
C GLY A 213 3.01 -27.09 -11.03
N ASP A 214 3.79 -26.65 -11.99
CA ASP A 214 5.18 -27.10 -12.16
C ASP A 214 6.11 -25.85 -11.90
N PHE A 215 7.02 -25.99 -10.98
CA PHE A 215 7.82 -24.85 -10.52
C PHE A 215 9.28 -25.27 -10.38
N ASP A 216 10.19 -24.28 -10.36
CA ASP A 216 11.48 -24.48 -9.75
C ASP A 216 11.29 -24.04 -8.30
N VAL A 217 12.10 -24.56 -7.39
CA VAL A 217 11.91 -24.38 -5.99
C VAL A 217 13.27 -24.09 -5.40
N LEU A 218 13.38 -22.95 -4.75
CA LEU A 218 14.54 -22.55 -3.95
C LEU A 218 14.24 -22.95 -2.51
N ARG A 219 15.14 -23.77 -1.94
CA ARG A 219 14.92 -24.31 -0.59
C ARG A 219 16.01 -23.90 0.34
N ASP A 220 15.64 -23.51 1.56
CA ASP A 220 16.62 -23.06 2.50
C ASP A 220 16.01 -23.32 3.90
N THR A 221 16.70 -22.92 4.97
CA THR A 221 16.15 -23.07 6.36
C THR A 221 16.42 -21.85 7.15
N PHE A 222 15.59 -21.59 8.16
CA PHE A 222 15.79 -20.59 9.15
C PHE A 222 15.62 -21.32 10.50
N THR A 223 16.57 -21.10 11.39
CA THR A 223 16.43 -21.62 12.74
C THR A 223 16.01 -20.51 13.69
N THR A 224 14.89 -20.71 14.38
CA THR A 224 14.38 -19.64 15.26
C THR A 224 15.23 -19.50 16.50
N ARG A 225 15.03 -18.42 17.26
CA ARG A 225 15.92 -18.20 18.38
C ARG A 225 15.81 -19.36 19.42
N SER A 226 14.68 -20.00 19.53
CA SER A 226 14.46 -21.16 20.47
C SER A 226 14.85 -22.50 19.91
N GLY A 227 15.31 -22.52 18.68
CA GLY A 227 15.85 -23.67 18.02
C GLY A 227 14.92 -24.38 17.04
N ARG A 228 13.77 -23.82 16.67
CA ARG A 228 12.89 -24.53 15.77
C ARG A 228 13.46 -24.34 14.36
N GLU A 229 13.69 -25.45 13.65
CA GLU A 229 14.16 -25.30 12.33
C GLU A 229 13.00 -25.25 11.30
N VAL A 230 12.95 -24.20 10.51
CA VAL A 230 11.84 -24.00 9.58
C VAL A 230 12.35 -24.23 8.17
N ALA A 231 11.69 -25.11 7.45
CA ALA A 231 11.95 -25.27 6.04
C ALA A 231 11.35 -24.08 5.26
N LEU A 232 12.18 -23.44 4.47
CA LEU A 232 11.76 -22.30 3.61
C LEU A 232 11.76 -22.72 2.17
N GLU A 233 10.64 -22.50 1.46
CA GLU A 233 10.49 -22.96 0.10
C GLU A 233 9.85 -21.84 -0.78
N LEU A 234 10.57 -21.42 -1.79
CA LEU A 234 10.12 -20.40 -2.72
C LEU A 234 9.92 -21.06 -4.09
N TYR A 235 8.67 -21.03 -4.58
CA TYR A 235 8.24 -21.66 -5.79
C TYR A 235 8.18 -20.58 -6.81
N VAL A 236 8.88 -20.77 -7.92
CA VAL A 236 8.89 -19.80 -9.05
C VAL A 236 8.77 -20.55 -10.35
N ASP A 237 8.41 -19.83 -11.41
CA ASP A 237 8.27 -20.39 -12.73
CA ASP A 237 8.25 -20.40 -12.72
C ASP A 237 9.58 -21.01 -13.14
N ARG A 238 9.51 -22.10 -13.91
CA ARG A 238 10.74 -22.75 -14.36
C ARG A 238 11.64 -21.68 -15.08
N GLY A 239 12.91 -21.64 -14.72
CA GLY A 239 13.86 -20.72 -15.34
C GLY A 239 14.09 -19.46 -14.51
N ASN A 240 13.35 -19.28 -13.38
CA ASN A 240 13.46 -18.03 -12.55
C ASN A 240 14.23 -18.22 -11.28
N LEU A 241 14.92 -19.35 -11.12
CA LEU A 241 15.67 -19.49 -9.93
C LEU A 241 16.76 -18.46 -9.73
N ASP A 242 17.31 -17.97 -10.82
CA ASP A 242 18.33 -16.87 -10.76
C ASP A 242 17.80 -15.55 -10.12
N ARG A 243 16.48 -15.42 -10.03
CA ARG A 243 15.84 -14.23 -9.51
C ARG A 243 15.19 -14.43 -8.14
N ALA A 244 15.48 -15.56 -7.50
CA ALA A 244 14.88 -15.89 -6.18
C ALA A 244 15.72 -15.58 -4.89
N PRO A 245 17.06 -15.58 -4.93
CA PRO A 245 17.73 -15.49 -3.65
C PRO A 245 17.48 -14.24 -2.83
N TRP A 246 17.27 -13.07 -3.46
CA TRP A 246 17.01 -11.88 -2.63
C TRP A 246 15.70 -12.02 -1.79
N ALA A 247 14.66 -12.58 -2.39
CA ALA A 247 13.39 -12.77 -1.66
C ALA A 247 13.60 -13.76 -0.51
N MET A 248 14.40 -14.82 -0.75
CA MET A 248 14.71 -15.77 0.31
C MET A 248 15.46 -15.10 1.47
N THR A 249 16.47 -14.32 1.09
CA THR A 249 17.24 -13.53 2.07
C THR A 249 16.33 -12.57 2.87
N SER A 250 15.39 -11.92 2.19
CA SER A 250 14.51 -11.00 2.85
C SER A 250 13.54 -11.73 3.80
N LEU A 251 13.19 -12.99 3.44
CA LEU A 251 12.31 -13.76 4.32
C LEU A 251 13.07 -14.05 5.62
N LYS A 252 14.32 -14.51 5.51
CA LYS A 252 15.10 -14.73 6.70
C LYS A 252 15.31 -13.46 7.52
N ASN A 253 15.58 -12.34 6.84
CA ASN A 253 15.70 -11.07 7.51
C ASN A 253 14.44 -10.71 8.27
N SER A 254 13.28 -10.91 7.66
CA SER A 254 12.00 -10.64 8.29
C SER A 254 11.79 -11.50 9.54
N MET A 255 12.14 -12.75 9.43
CA MET A 255 11.97 -13.64 10.58
C MET A 255 12.87 -13.29 11.72
N LYS A 256 14.13 -13.00 11.46
CA LYS A 256 15.03 -12.52 12.49
C LYS A 256 14.59 -11.22 13.13
N TRP A 257 14.13 -10.26 12.29
CA TRP A 257 13.70 -9.01 12.85
C TRP A 257 12.46 -9.10 13.70
N ASP A 258 11.48 -9.93 13.30
CA ASP A 258 10.32 -10.04 14.14
C ASP A 258 10.69 -10.63 15.50
N GLU A 259 11.65 -11.54 15.55
CA GLU A 259 12.18 -12.08 16.84
C GLU A 259 12.84 -10.96 17.65
N GLU A 260 13.72 -10.21 17.05
CA GLU A 260 14.48 -9.21 17.76
C GLU A 260 13.63 -8.03 18.24
N ARG A 261 12.81 -7.51 17.35
CA ARG A 261 11.97 -6.35 17.68
C ARG A 261 10.67 -6.63 18.44
N PHE A 262 9.92 -7.65 18.05
CA PHE A 262 8.64 -7.93 18.67
C PHE A 262 8.60 -9.25 19.50
N GLY A 263 9.70 -10.00 19.50
CA GLY A 263 9.79 -11.25 20.28
C GLY A 263 8.93 -12.37 19.65
N LEU A 264 8.69 -12.31 18.35
CA LEU A 264 7.74 -13.26 17.72
C LEU A 264 8.53 -14.20 16.88
N GLU A 265 8.23 -15.50 17.03
CA GLU A 265 8.79 -16.57 16.21
C GLU A 265 7.72 -17.19 15.29
N TYR A 266 8.17 -17.77 14.18
CA TYR A 266 7.29 -18.51 13.30
C TYR A 266 6.84 -19.79 14.06
N ASP A 267 5.67 -20.26 13.67
CA ASP A 267 4.89 -21.26 14.48
C ASP A 267 4.60 -22.58 13.81
N LEU A 268 5.15 -22.75 12.62
CA LEU A 268 5.05 -23.94 11.87
C LEU A 268 6.42 -24.42 11.43
N ASP A 269 6.41 -25.53 10.70
CA ASP A 269 7.62 -26.24 10.31
C ASP A 269 8.09 -25.90 8.88
N ILE A 270 7.19 -25.37 8.09
CA ILE A 270 7.44 -25.06 6.71
C ILE A 270 6.87 -23.66 6.41
N TYR A 271 7.58 -22.88 5.60
CA TYR A 271 7.09 -21.56 5.11
C TYR A 271 7.25 -21.59 3.58
N MET A 272 6.14 -21.67 2.86
CA MET A 272 6.11 -21.69 1.43
C MET A 272 5.67 -20.31 0.91
N ILE A 273 6.37 -19.86 -0.09
CA ILE A 273 6.00 -18.69 -0.89
C ILE A 273 5.90 -19.16 -2.36
N VAL A 274 4.82 -18.80 -3.06
CA VAL A 274 4.71 -19.07 -4.49
C VAL A 274 4.57 -17.74 -5.23
N ALA A 275 5.40 -17.51 -6.24
CA ALA A 275 5.38 -16.29 -7.04
C ALA A 275 4.53 -16.56 -8.29
N VAL A 276 3.41 -15.86 -8.47
CA VAL A 276 2.58 -16.07 -9.65
C VAL A 276 2.49 -14.77 -10.44
N ASP A 277 2.34 -14.89 -11.76
CA ASP A 277 2.36 -13.70 -12.62
C ASP A 277 1.05 -12.99 -12.66
N PHE A 278 -0.02 -13.70 -12.35
CA PHE A 278 -1.38 -13.18 -12.42
C PHE A 278 -1.94 -13.08 -11.01
N PHE A 279 -1.97 -11.86 -10.49
CA PHE A 279 -2.40 -11.67 -9.12
C PHE A 279 -2.90 -10.23 -8.97
N ASN A 280 -4.10 -10.07 -8.40
CA ASN A 280 -4.72 -8.76 -8.28
C ASN A 280 -4.01 -7.87 -7.29
N MET A 281 -3.56 -8.44 -6.21
CA MET A 281 -2.90 -7.68 -5.13
C MET A 281 -1.36 -7.91 -5.21
N GLY A 282 -0.64 -7.34 -4.28
CA GLY A 282 0.77 -7.43 -4.20
C GLY A 282 1.22 -8.81 -3.72
N ALA A 283 0.51 -9.27 -2.70
CA ALA A 283 0.81 -10.58 -2.15
C ALA A 283 -0.26 -10.88 -1.09
N MET A 284 -0.21 -12.09 -0.54
CA MET A 284 -1.28 -12.56 0.39
C MET A 284 -0.69 -13.49 1.44
N GLU A 285 -1.08 -13.27 2.69
CA GLU A 285 -0.49 -13.94 3.89
C GLU A 285 -1.10 -15.28 4.26
N ASN A 286 -1.53 -16.05 3.27
CA ASN A 286 -2.18 -17.37 3.57
C ASN A 286 -1.22 -18.15 4.46
N LYS A 287 -1.76 -18.76 5.51
CA LYS A 287 -0.95 -19.36 6.59
C LYS A 287 -0.02 -20.41 6.00
N GLY A 288 1.30 -20.20 6.13
CA GLY A 288 2.29 -21.18 5.71
C GLY A 288 2.47 -21.28 4.20
N LEU A 289 1.65 -20.58 3.44
CA LEU A 289 1.60 -20.68 1.98
C LEU A 289 1.23 -19.33 1.42
N ASN A 290 2.16 -18.38 1.48
CA ASN A 290 1.89 -17.06 0.92
C ASN A 290 1.90 -17.17 -0.60
N ILE A 291 1.01 -16.44 -1.25
CA ILE A 291 1.02 -16.34 -2.73
C ILE A 291 1.33 -14.84 -3.00
N PHE A 292 2.36 -14.64 -3.80
CA PHE A 292 2.91 -13.31 -4.09
C PHE A 292 2.73 -13.06 -5.58
N ASN A 293 2.44 -11.81 -5.89
CA ASN A 293 2.59 -11.34 -7.26
C ASN A 293 4.13 -11.41 -7.53
N SER A 294 4.53 -11.94 -8.66
CA SER A 294 5.94 -12.14 -8.90
CA SER A 294 5.93 -12.11 -9.02
C SER A 294 6.70 -10.82 -8.90
N LYS A 295 6.02 -9.69 -9.08
CA LYS A 295 6.68 -8.35 -8.99
C LYS A 295 7.31 -8.16 -7.66
N TYR A 296 6.75 -8.78 -6.65
CA TYR A 296 7.28 -8.66 -5.30
C TYR A 296 8.11 -9.87 -4.81
N VAL A 297 8.67 -10.64 -5.76
CA VAL A 297 9.61 -11.68 -5.47
C VAL A 297 10.85 -11.58 -6.35
N LEU A 298 10.68 -11.47 -7.66
CA LEU A 298 11.78 -11.71 -8.60
C LEU A 298 12.65 -10.52 -8.79
N ALA A 299 13.96 -10.70 -8.50
CA ALA A 299 14.95 -9.64 -8.71
C ALA A 299 16.31 -10.21 -9.08
N ARG A 300 16.96 -9.50 -10.02
CA ARG A 300 18.40 -9.74 -10.40
C ARG A 300 18.88 -8.32 -10.71
N THR A 301 20.17 -8.05 -10.64
CA THR A 301 20.63 -6.66 -10.73
C THR A 301 20.38 -6.05 -12.08
N ASP A 302 20.28 -6.86 -13.14
CA ASP A 302 20.03 -6.35 -14.47
C ASP A 302 18.49 -6.23 -14.76
N THR A 303 17.64 -6.73 -13.88
CA THR A 303 16.19 -6.63 -14.11
C THR A 303 15.47 -5.74 -13.12
N ALA A 304 16.05 -5.49 -11.93
CA ALA A 304 15.33 -4.88 -10.87
C ALA A 304 16.12 -3.73 -10.35
N THR A 305 15.45 -2.69 -9.91
CA THR A 305 16.06 -1.47 -9.43
C THR A 305 16.22 -1.58 -7.91
N ASP A 306 16.94 -0.68 -7.32
CA ASP A 306 17.07 -0.61 -5.86
C ASP A 306 15.72 -0.50 -5.24
N LYS A 307 14.86 0.32 -5.84
CA LYS A 307 13.47 0.43 -5.35
C LYS A 307 12.71 -0.92 -5.40
N ASP A 308 12.88 -1.69 -6.45
CA ASP A 308 12.28 -3.02 -6.49
C ASP A 308 12.83 -3.92 -5.38
N TYR A 309 14.15 -3.89 -5.17
CA TYR A 309 14.73 -4.68 -4.06
C TYR A 309 14.09 -4.33 -2.71
N LEU A 310 13.99 -3.06 -2.40
CA LEU A 310 13.46 -2.66 -1.11
C LEU A 310 11.95 -2.88 -1.05
N ASP A 311 11.28 -2.83 -2.20
CA ASP A 311 9.82 -3.18 -2.18
C ASP A 311 9.62 -4.69 -1.97
N ILE A 312 10.51 -5.51 -2.55
CA ILE A 312 10.48 -6.97 -2.29
C ILE A 312 10.72 -7.22 -0.80
N GLU A 313 11.72 -6.56 -0.20
CA GLU A 313 11.95 -6.65 1.16
C GLU A 313 10.75 -6.28 2.03
N ARG A 314 10.09 -5.14 1.73
CA ARG A 314 8.99 -4.74 2.54
C ARG A 314 7.76 -5.66 2.37
N VAL A 315 7.46 -6.11 1.17
CA VAL A 315 6.30 -6.97 0.97
C VAL A 315 6.49 -8.37 1.54
N ILE A 316 7.68 -8.97 1.33
CA ILE A 316 8.03 -10.22 2.04
C ILE A 316 7.83 -10.01 3.56
N GLY A 317 8.35 -8.91 4.12
CA GLY A 317 8.23 -8.63 5.48
C GLY A 317 6.78 -8.55 5.94
N HIS A 318 6.05 -7.74 5.20
CA HIS A 318 4.61 -7.49 5.47
C HIS A 318 3.86 -8.80 5.58
N GLU A 319 3.99 -9.69 4.60
CA GLU A 319 3.21 -10.91 4.64
C GLU A 319 3.66 -11.79 5.77
N TYR A 320 4.94 -11.79 6.02
CA TYR A 320 5.50 -12.56 7.15
C TYR A 320 4.90 -12.04 8.48
N PHE A 321 4.89 -10.72 8.64
CA PHE A 321 4.44 -10.08 9.87
C PHE A 321 2.97 -10.40 10.15
N HIS A 322 2.19 -10.54 9.12
CA HIS A 322 0.80 -10.97 9.26
C HIS A 322 0.66 -12.30 10.01
N ASN A 323 1.71 -13.11 10.02
CA ASN A 323 1.57 -14.43 10.65
C ASN A 323 1.03 -14.28 12.06
N TRP A 324 1.43 -13.16 12.72
CA TRP A 324 0.89 -12.83 14.03
C TRP A 324 -0.23 -11.80 13.96
N THR A 325 0.06 -10.69 13.23
CA THR A 325 -0.91 -9.58 13.14
C THR A 325 -1.83 -9.77 11.91
N GLY A 326 -2.76 -10.73 12.06
CA GLY A 326 -3.65 -11.11 10.97
C GLY A 326 -4.04 -12.58 11.06
N ASN A 327 -3.08 -13.44 11.33
CA ASN A 327 -3.36 -14.91 11.29
C ASN A 327 -3.54 -15.50 12.69
N ARG A 328 -2.56 -15.40 13.58
CA ARG A 328 -2.72 -15.85 14.98
C ARG A 328 -3.81 -15.02 15.70
N VAL A 329 -3.87 -13.70 15.46
CA VAL A 329 -5.06 -12.94 15.78
C VAL A 329 -5.58 -12.36 14.50
N THR A 330 -6.84 -12.70 14.18
CA THR A 330 -7.49 -12.30 12.95
C THR A 330 -8.58 -11.25 13.21
N CYS A 331 -9.39 -10.93 12.19
CA CYS A 331 -10.40 -9.87 12.24
C CYS A 331 -11.78 -10.49 12.52
N ARG A 332 -12.50 -9.94 13.49
CA ARG A 332 -13.88 -10.37 13.78
C ARG A 332 -14.79 -10.20 12.54
N ASP A 333 -14.62 -9.09 11.81
CA ASP A 333 -15.41 -8.76 10.68
C ASP A 333 -14.56 -7.84 9.80
N TRP A 334 -14.96 -7.64 8.55
CA TRP A 334 -14.16 -6.95 7.61
C TRP A 334 -14.07 -5.43 7.84
N PHE A 335 -14.99 -4.89 8.63
CA PHE A 335 -14.90 -3.50 9.09
C PHE A 335 -13.66 -3.31 9.94
N GLN A 336 -13.12 -4.37 10.50
CA GLN A 336 -11.88 -4.31 11.35
C GLN A 336 -10.61 -4.56 10.54
N LEU A 337 -10.67 -4.44 9.24
CA LEU A 337 -9.52 -4.72 8.36
C LEU A 337 -8.24 -4.01 8.80
N SER A 338 -8.34 -2.77 9.33
CA SER A 338 -7.14 -2.00 9.71
C SER A 338 -6.47 -2.59 10.93
N LEU A 339 -7.21 -3.37 11.72
CA LEU A 339 -6.62 -4.09 12.84
C LEU A 339 -5.41 -4.86 12.38
N LYS A 340 -5.51 -5.54 11.26
CA LYS A 340 -4.42 -6.27 10.72
C LYS A 340 -3.61 -5.45 9.73
N GLU A 341 -4.24 -4.60 8.91
CA GLU A 341 -3.45 -3.93 7.87
C GLU A 341 -2.72 -2.68 8.38
N GLY A 342 -3.33 -1.86 9.24
CA GLY A 342 -2.61 -0.72 9.82
C GLY A 342 -1.40 -1.24 10.60
N LEU A 343 -1.67 -2.24 11.44
CA LEU A 343 -0.65 -2.72 12.32
C LEU A 343 0.45 -3.43 11.56
N THR A 344 0.14 -4.18 10.52
CA THR A 344 1.15 -4.91 9.71
C THR A 344 1.91 -3.93 8.82
N VAL A 345 1.27 -2.87 8.33
CA VAL A 345 2.00 -1.86 7.64
C VAL A 345 2.94 -1.12 8.61
N PHE A 346 2.49 -0.80 9.82
CA PHE A 346 3.39 -0.26 10.80
C PHE A 346 4.61 -1.13 11.01
N ARG A 347 4.39 -2.41 11.17
CA ARG A 347 5.46 -3.36 11.29
C ARG A 347 6.39 -3.39 10.05
N ASP A 348 5.85 -3.39 8.85
CA ASP A 348 6.72 -3.42 7.68
C ASP A 348 7.53 -2.12 7.57
N GLN A 349 6.94 -0.98 7.96
CA GLN A 349 7.69 0.30 7.98
C GLN A 349 8.84 0.30 8.99
N GLU A 350 8.55 -0.23 10.18
CA GLU A 350 9.53 -0.38 11.21
C GLU A 350 10.68 -1.32 10.86
N PHE A 351 10.38 -2.38 10.20
CA PHE A 351 11.37 -3.32 9.62
C PHE A 351 12.25 -2.63 8.60
N SER A 352 11.62 -2.05 7.58
CA SER A 352 12.38 -1.31 6.58
C SER A 352 13.24 -0.22 7.18
N SER A 353 12.67 0.47 8.16
CA SER A 353 13.30 1.59 8.75
C SER A 353 14.52 1.19 9.63
N ASP A 354 14.38 0.09 10.34
CA ASP A 354 15.42 -0.42 11.22
C ASP A 354 16.50 -0.95 10.32
N LEU A 355 16.22 -1.74 9.28
CA LEU A 355 17.29 -2.33 8.47
C LEU A 355 17.94 -1.32 7.54
N GLY A 356 17.18 -0.34 7.08
CA GLY A 356 17.71 0.58 6.06
C GLY A 356 17.75 2.01 6.61
N SER A 357 17.32 2.93 5.78
CA SER A 357 17.33 4.36 6.17
C SER A 357 16.01 4.72 6.82
N ARG A 358 16.00 5.02 8.12
CA ARG A 358 14.75 5.40 8.77
C ARG A 358 14.21 6.71 8.13
N ALA A 359 15.08 7.68 7.91
CA ALA A 359 14.61 8.95 7.34
C ALA A 359 14.01 8.80 5.98
N VAL A 360 14.63 8.03 5.10
CA VAL A 360 14.12 7.89 3.76
C VAL A 360 12.77 7.14 3.81
N ASN A 361 12.69 6.10 4.65
CA ASN A 361 11.37 5.47 4.80
C ASN A 361 10.30 6.39 5.29
N ARG A 362 10.58 7.15 6.34
CA ARG A 362 9.60 8.06 6.89
C ARG A 362 9.17 9.12 5.85
N ILE A 363 10.16 9.73 5.19
CA ILE A 363 9.92 10.70 4.13
C ILE A 363 8.96 10.13 3.09
N ASN A 364 9.24 8.95 2.62
CA ASN A 364 8.40 8.40 1.59
C ASN A 364 7.03 8.04 2.06
N ASN A 365 6.91 7.58 3.29
CA ASN A 365 5.57 7.28 3.80
C ASN A 365 4.78 8.57 4.01
N VAL A 366 5.47 9.65 4.33
CA VAL A 366 4.82 10.90 4.51
C VAL A 366 4.39 11.49 3.16
N ARG A 367 5.20 11.33 2.13
CA ARG A 367 4.82 11.67 0.79
C ARG A 367 3.52 10.95 0.32
N THR A 368 3.40 9.66 0.63
CA THR A 368 2.19 8.95 0.37
C THR A 368 1.01 9.47 1.12
N MET A 369 1.20 9.73 2.37
CA MET A 369 0.10 10.25 3.22
C MET A 369 -0.41 11.61 2.67
N ARG A 370 0.51 12.56 2.51
CA ARG A 370 0.12 13.92 2.15
CA ARG A 370 0.08 13.91 2.21
C ARG A 370 -0.30 14.00 0.71
N GLY A 371 0.25 13.19 -0.13
CA GLY A 371 -0.02 13.36 -1.48
C GLY A 371 -1.06 12.49 -2.13
N LEU A 372 -1.35 11.34 -1.51
CA LEU A 372 -2.30 10.32 -2.04
C LEU A 372 -3.40 10.04 -1.01
N GLN A 373 -3.04 9.88 0.27
CA GLN A 373 -4.07 9.52 1.28
C GLN A 373 -4.95 10.69 1.64
N PHE A 374 -4.34 11.88 1.78
CA PHE A 374 -5.12 13.04 2.02
C PHE A 374 -6.19 13.27 0.86
N ALA A 375 -5.80 13.05 -0.38
CA ALA A 375 -6.72 13.17 -1.50
C ALA A 375 -7.92 12.22 -1.35
N GLU A 376 -7.67 10.99 -0.86
CA GLU A 376 -8.77 10.06 -0.66
C GLU A 376 -9.71 10.53 0.44
N ASP A 377 -9.14 11.06 1.52
CA ASP A 377 -9.87 11.48 2.68
C ASP A 377 -10.76 12.72 2.46
N ALA A 378 -10.53 13.39 1.39
CA ALA A 378 -11.37 14.53 0.92
C ALA A 378 -12.28 14.09 -0.24
N SER A 379 -12.21 12.83 -0.66
CA SER A 379 -12.92 12.38 -1.87
C SER A 379 -14.29 11.83 -1.52
N PRO A 380 -15.07 11.51 -2.56
CA PRO A 380 -16.35 10.88 -2.23
C PRO A 380 -16.25 9.51 -1.59
N MET A 381 -15.11 8.80 -1.73
CA MET A 381 -14.87 7.50 -1.08
C MET A 381 -14.28 7.66 0.31
N ALA A 382 -14.26 8.85 0.89
CA ALA A 382 -13.74 9.02 2.23
C ALA A 382 -14.41 8.07 3.24
N HIS A 383 -13.56 7.46 4.08
CA HIS A 383 -13.98 6.60 5.19
C HIS A 383 -13.04 6.66 6.35
N PRO A 384 -13.54 6.35 7.53
CA PRO A 384 -12.66 6.21 8.67
C PRO A 384 -11.81 4.93 8.48
N ILE A 385 -10.68 4.86 9.20
CA ILE A 385 -9.83 3.64 9.09
C ILE A 385 -10.57 2.38 9.44
N ARG A 386 -11.57 2.51 10.31
CA ARG A 386 -12.51 1.40 10.58
C ARG A 386 -13.82 1.83 9.91
N PRO A 387 -14.12 1.31 8.71
CA PRO A 387 -15.28 1.88 8.01
C PRO A 387 -16.61 1.52 8.71
N ASP A 388 -17.64 2.27 8.35
CA ASP A 388 -18.99 1.99 8.89
C ASP A 388 -19.94 1.33 7.91
N MET A 389 -19.70 1.53 6.63
CA MET A 389 -20.57 1.12 5.56
C MET A 389 -19.77 0.68 4.36
N VAL A 390 -20.11 -0.51 3.86
CA VAL A 390 -19.43 -1.13 2.77
C VAL A 390 -20.39 -1.89 1.91
N ILE A 391 -20.29 -1.70 0.58
CA ILE A 391 -21.06 -2.44 -0.42
C ILE A 391 -20.18 -3.58 -0.91
N GLU A 392 -18.97 -3.28 -1.39
CA GLU A 392 -18.01 -4.35 -1.87
C GLU A 392 -16.66 -4.20 -1.08
N MET A 393 -16.40 -5.17 -0.20
CA MET A 393 -15.26 -5.10 0.71
C MET A 393 -13.94 -5.00 -0.05
N ASN A 394 -13.86 -5.49 -1.28
CA ASN A 394 -12.62 -5.34 -1.97
C ASN A 394 -12.30 -3.90 -2.31
N ASN A 395 -13.26 -2.98 -2.20
CA ASN A 395 -13.01 -1.56 -2.42
C ASN A 395 -12.41 -0.81 -1.23
N PHE A 396 -12.25 -1.49 -0.11
CA PHE A 396 -11.74 -0.94 1.11
C PHE A 396 -10.31 -1.37 1.50
N TYR A 397 -9.58 -1.86 0.52
CA TYR A 397 -8.14 -2.07 0.68
C TYR A 397 -7.45 -0.78 0.27
N THR A 398 -7.52 0.22 1.14
CA THR A 398 -7.29 1.60 0.72
C THR A 398 -6.07 2.21 1.40
N LEU A 399 -5.59 3.31 0.80
CA LEU A 399 -4.62 4.14 1.40
C LEU A 399 -5.02 4.52 2.80
N THR A 400 -6.31 4.72 3.04
CA THR A 400 -6.78 5.06 4.34
C THR A 400 -6.63 3.89 5.34
N VAL A 401 -7.19 2.77 4.98
CA VAL A 401 -7.08 1.62 5.91
C VAL A 401 -5.63 1.19 6.21
N TYR A 402 -4.80 1.21 5.18
CA TYR A 402 -3.37 0.82 5.26
C TYR A 402 -2.50 1.96 5.83
N GLU A 403 -2.33 3.01 5.05
CA GLU A 403 -1.36 4.09 5.41
C GLU A 403 -1.80 4.95 6.57
N LYS A 404 -3.03 5.48 6.52
CA LYS A 404 -3.52 6.20 7.64
C LYS A 404 -3.66 5.23 8.83
N GLY A 405 -4.08 3.97 8.57
CA GLY A 405 -4.13 2.96 9.65
C GLY A 405 -2.80 2.88 10.39
N ALA A 406 -1.71 2.84 9.62
CA ALA A 406 -0.36 2.73 10.20
C ALA A 406 0.03 3.96 10.97
N GLU A 407 -0.35 5.13 10.42
CA GLU A 407 -0.11 6.41 11.15
C GLU A 407 -0.84 6.43 12.48
N VAL A 408 -2.05 5.81 12.54
CA VAL A 408 -2.74 5.67 13.79
C VAL A 408 -2.04 4.75 14.84
N ILE A 409 -1.54 3.65 14.38
CA ILE A 409 -0.73 2.76 15.19
C ILE A 409 0.56 3.53 15.66
N ARG A 410 1.19 4.23 14.73
CA ARG A 410 2.34 5.08 15.06
C ARG A 410 2.08 6.15 16.11
N MET A 411 0.90 6.77 16.06
CA MET A 411 0.49 7.67 17.12
C MET A 411 0.43 7.00 18.47
N ILE A 412 -0.13 5.75 18.53
CA ILE A 412 -0.11 5.01 19.80
C ILE A 412 1.31 4.81 20.22
N HIS A 413 2.19 4.41 19.29
CA HIS A 413 3.60 4.29 19.59
C HIS A 413 4.24 5.58 20.12
N THR A 414 3.87 6.71 19.53
CA THR A 414 4.38 8.00 19.98
C THR A 414 3.88 8.31 21.38
N LEU A 415 2.59 8.06 21.61
CA LEU A 415 2.01 8.28 22.91
C LEU A 415 2.54 7.40 24.02
N LEU A 416 2.88 6.16 23.71
CA LEU A 416 3.24 5.17 24.73
C LEU A 416 4.71 4.99 24.92
N GLY A 417 5.47 5.17 23.87
CA GLY A 417 6.87 4.83 23.78
C GLY A 417 7.03 3.31 23.45
N GLU A 418 8.19 2.90 23.00
CA GLU A 418 8.42 1.54 22.56
C GLU A 418 8.15 0.51 23.65
N GLU A 419 8.70 0.71 24.83
CA GLU A 419 8.52 -0.26 25.86
C GLU A 419 7.04 -0.51 26.22
N ASN A 420 6.27 0.54 26.48
CA ASN A 420 4.87 0.36 26.73
C ASN A 420 4.12 -0.22 25.50
N PHE A 421 4.54 0.19 24.30
CA PHE A 421 3.91 -0.28 23.06
C PHE A 421 4.07 -1.82 22.95
N GLN A 422 5.26 -2.29 23.25
CA GLN A 422 5.53 -3.74 23.21
C GLN A 422 4.80 -4.46 24.32
N LYS A 423 4.67 -3.83 25.51
CA LYS A 423 3.72 -4.38 26.51
C LYS A 423 2.32 -4.55 25.98
N GLY A 424 1.81 -3.54 25.26
CA GLY A 424 0.51 -3.68 24.69
C GLY A 424 0.43 -4.76 23.62
N MET A 425 1.45 -4.89 22.78
CA MET A 425 1.49 -6.03 21.83
C MET A 425 1.38 -7.37 22.57
N GLN A 426 2.12 -7.49 23.66
CA GLN A 426 2.17 -8.74 24.49
C GLN A 426 0.81 -9.01 25.06
N LEU A 427 0.11 -7.99 25.55
CA LEU A 427 -1.21 -8.16 26.13
C LEU A 427 -2.27 -8.45 25.05
N TYR A 428 -2.15 -7.81 23.91
CA TYR A 428 -2.99 -8.13 22.76
C TYR A 428 -2.87 -9.59 22.37
N PHE A 429 -1.67 -10.12 22.22
CA PHE A 429 -1.58 -11.54 21.87
C PHE A 429 -2.01 -12.46 23.02
N GLU A 430 -1.75 -12.08 24.25
CA GLU A 430 -2.09 -12.96 25.37
C GLU A 430 -3.60 -13.05 25.38
N ARG A 431 -4.29 -11.94 25.24
CA ARG A 431 -5.74 -11.95 25.19
C ARG A 431 -6.36 -12.58 23.97
N HIS A 432 -5.80 -12.38 22.77
CA HIS A 432 -6.56 -12.67 21.59
C HIS A 432 -5.99 -13.73 20.65
N ASP A 433 -4.87 -14.31 21.00
CA ASP A 433 -4.27 -15.39 20.23
C ASP A 433 -5.28 -16.47 20.05
N GLY A 434 -5.44 -16.84 18.80
CA GLY A 434 -6.40 -17.89 18.40
C GLY A 434 -7.79 -17.41 18.20
N SER A 435 -8.02 -16.12 18.15
CA SER A 435 -9.35 -15.60 18.03
C SER A 435 -9.43 -14.51 16.93
N ALA A 436 -10.65 -14.07 16.61
CA ALA A 436 -10.92 -12.98 15.70
C ALA A 436 -11.29 -11.75 16.49
N ALA A 437 -10.50 -10.65 16.38
CA ALA A 437 -10.64 -9.57 17.28
C ALA A 437 -11.08 -8.28 16.61
N THR A 438 -11.24 -7.23 17.41
CA THR A 438 -11.64 -5.93 16.84
C THR A 438 -10.51 -4.88 17.02
N CYS A 439 -10.64 -3.79 16.28
CA CYS A 439 -9.77 -2.58 16.50
C CYS A 439 -9.87 -2.16 17.92
N ASP A 440 -11.09 -2.11 18.44
CA ASP A 440 -11.28 -1.69 19.82
C ASP A 440 -10.54 -2.59 20.81
N ASP A 441 -10.52 -3.94 20.55
CA ASP A 441 -9.75 -4.86 21.40
C ASP A 441 -8.28 -4.44 21.47
N PHE A 442 -7.72 -4.12 20.30
CA PHE A 442 -6.32 -3.76 20.20
C PHE A 442 -6.02 -2.47 20.96
N VAL A 443 -6.86 -1.46 20.75
CA VAL A 443 -6.69 -0.23 21.56
C VAL A 443 -6.80 -0.49 23.02
N GLN A 444 -7.76 -1.31 23.42
CA GLN A 444 -7.86 -1.62 24.84
C GLN A 444 -6.65 -2.30 25.40
N ALA A 445 -6.05 -3.26 24.65
CA ALA A 445 -4.82 -3.90 25.12
C ALA A 445 -3.71 -2.89 25.34
N MET A 446 -3.59 -1.94 24.40
CA MET A 446 -2.54 -0.95 24.50
C MET A 446 -2.80 -0.05 25.75
N GLU A 447 -4.02 0.40 25.93
CA GLU A 447 -4.41 1.23 27.06
C GLU A 447 -4.17 0.49 28.38
N ASP A 448 -4.64 -0.75 28.48
CA ASP A 448 -4.51 -1.51 29.71
C ASP A 448 -3.06 -1.84 30.04
N ALA A 449 -2.20 -2.16 29.07
CA ALA A 449 -0.83 -2.54 29.41
C ALA A 449 -0.01 -1.34 29.81
N SER A 450 -0.32 -0.22 29.19
CA SER A 450 0.46 0.99 29.38
C SER A 450 0.06 1.96 30.47
N ASN A 451 -1.21 1.86 30.89
CA ASN A 451 -1.87 2.81 31.71
C ASN A 451 -1.97 4.20 31.05
N VAL A 452 -1.86 4.30 29.70
CA VAL A 452 -2.16 5.59 29.02
C VAL A 452 -3.62 5.56 28.62
N ASP A 453 -4.37 6.62 28.89
CA ASP A 453 -5.78 6.68 28.54
C ASP A 453 -5.92 6.95 27.02
N LEU A 454 -6.55 6.01 26.32
CA LEU A 454 -6.82 6.08 24.86
C LEU A 454 -8.30 6.20 24.53
N SER A 455 -9.11 6.68 25.50
CA SER A 455 -10.54 6.82 25.25
C SER A 455 -10.80 7.83 24.17
N HIS A 456 -10.22 9.00 24.33
CA HIS A 456 -10.37 10.01 23.28
C HIS A 456 -9.72 9.60 21.96
N PHE A 457 -8.59 9.02 22.09
CA PHE A 457 -7.79 8.61 20.90
C PHE A 457 -8.62 7.70 19.98
N ARG A 458 -9.57 6.95 20.55
CA ARG A 458 -10.37 6.00 19.76
C ARG A 458 -11.14 6.68 18.63
N ARG A 459 -11.34 8.01 18.74
CA ARG A 459 -12.07 8.73 17.73
C ARG A 459 -11.36 8.70 16.39
N TRP A 460 -10.05 8.44 16.43
CA TRP A 460 -9.33 8.26 15.13
C TRP A 460 -9.80 7.07 14.32
N TYR A 461 -10.42 6.09 14.98
CA TYR A 461 -10.98 4.96 14.29
C TYR A 461 -12.32 5.20 13.62
N SER A 462 -13.07 6.19 14.12
CA SER A 462 -14.49 6.40 13.76
C SER A 462 -14.70 7.67 12.94
N GLN A 463 -13.70 8.53 12.81
CA GLN A 463 -13.82 9.77 12.10
C GLN A 463 -12.94 9.84 10.89
N SER A 464 -13.54 10.23 9.76
CA SER A 464 -12.85 10.35 8.50
C SER A 464 -12.37 11.80 8.31
N GLY A 465 -11.62 12.04 7.24
CA GLY A 465 -11.14 13.38 6.98
C GLY A 465 -9.80 13.69 7.63
N THR A 466 -9.07 14.64 7.08
CA THR A 466 -7.80 15.07 7.57
C THR A 466 -7.94 16.30 8.50
N PRO A 467 -7.55 16.20 9.75
CA PRO A 467 -7.49 17.39 10.64
C PRO A 467 -6.50 18.40 10.13
N ILE A 468 -6.91 19.65 10.28
CA ILE A 468 -6.09 20.83 10.04
C ILE A 468 -5.73 21.45 11.37
N VAL A 469 -4.42 21.48 11.62
CA VAL A 469 -3.88 22.00 12.85
C VAL A 469 -3.27 23.37 12.56
N THR A 470 -3.81 24.40 13.21
CA THR A 470 -3.28 25.82 13.01
C THR A 470 -2.51 26.20 14.23
N VAL A 471 -1.30 26.74 14.00
CA VAL A 471 -0.40 27.12 15.10
C VAL A 471 0.02 28.61 14.98
N LYS A 472 -0.19 29.36 16.04
CA LYS A 472 0.38 30.70 16.20
C LYS A 472 1.33 30.69 17.36
N ASP A 473 2.32 31.58 17.33
CA ASP A 473 3.32 31.61 18.39
C ASP A 473 3.55 33.02 18.90
N ASP A 474 4.02 33.08 20.12
CA ASP A 474 4.38 34.41 20.70
C ASP A 474 5.61 34.27 21.53
N TYR A 475 6.60 35.13 21.33
CA TYR A 475 7.73 35.15 22.23
C TYR A 475 7.71 36.43 23.09
N ASN A 476 7.76 36.24 24.39
CA ASN A 476 7.78 37.33 25.38
C ASN A 476 9.16 37.48 26.06
N PRO A 477 9.92 38.48 25.61
CA PRO A 477 11.28 38.65 26.06
C PRO A 477 11.30 39.10 27.55
N GLU A 478 10.26 39.73 28.00
CA GLU A 478 10.23 40.17 29.42
C GLU A 478 10.10 38.97 30.35
N THR A 479 9.26 37.97 30.00
CA THR A 479 9.16 36.79 30.88
C THR A 479 9.96 35.58 30.39
N GLU A 480 10.57 35.69 29.20
CA GLU A 480 11.32 34.58 28.59
C GLU A 480 10.40 33.37 28.46
N GLN A 481 9.20 33.68 28.02
CA GLN A 481 8.16 32.61 27.76
C GLN A 481 7.86 32.57 26.27
N TYR A 482 7.64 31.35 25.76
CA TYR A 482 7.17 31.09 24.38
C TYR A 482 5.84 30.39 24.42
N THR A 483 4.85 30.99 23.79
CA THR A 483 3.51 30.49 23.81
C THR A 483 3.12 29.97 22.42
N LEU A 484 2.66 28.70 22.35
CA LEU A 484 2.00 28.17 21.16
C LEU A 484 0.51 28.11 21.38
N THR A 485 -0.21 28.72 20.46
CA THR A 485 -1.67 28.66 20.42
C THR A 485 -2.01 27.75 19.31
N ILE A 486 -2.59 26.63 19.69
CA ILE A 486 -2.85 25.54 18.69
C ILE A 486 -4.36 25.25 18.55
N SER A 487 -4.85 25.21 17.32
CA SER A 487 -6.27 24.87 17.09
CA SER A 487 -6.27 24.95 16.97
C SER A 487 -6.37 23.75 16.08
N GLN A 488 -7.49 23.01 16.16
CA GLN A 488 -7.74 21.95 15.23
C GLN A 488 -9.15 22.05 14.75
N ARG A 489 -9.35 21.55 13.55
CA ARG A 489 -10.70 21.24 13.06
C ARG A 489 -10.58 20.22 11.95
N THR A 490 -11.63 19.44 11.72
CA THR A 490 -11.65 18.58 10.57
C THR A 490 -12.87 19.03 9.76
N PRO A 491 -12.67 19.39 8.50
CA PRO A 491 -13.80 19.67 7.65
C PRO A 491 -14.75 18.50 7.51
N ALA A 492 -16.04 18.77 7.33
CA ALA A 492 -16.96 17.74 6.94
C ALA A 492 -16.47 17.00 5.69
N THR A 493 -16.78 15.71 5.63
CA THR A 493 -16.51 14.86 4.49
C THR A 493 -17.86 14.33 3.95
N PRO A 494 -17.87 13.81 2.72
CA PRO A 494 -19.08 13.37 2.09
C PRO A 494 -19.80 12.28 2.89
N ASP A 495 -19.03 11.51 3.67
CA ASP A 495 -19.60 10.43 4.48
C ASP A 495 -20.06 10.84 5.87
N GLN A 496 -19.61 11.97 6.40
CA GLN A 496 -19.89 12.36 7.77
C GLN A 496 -20.06 13.84 7.91
N ALA A 497 -21.24 14.25 8.40
CA ALA A 497 -21.56 15.65 8.55
C ALA A 497 -21.07 16.20 9.90
N GLU A 498 -20.78 15.33 10.84
CA GLU A 498 -20.37 15.76 12.15
C GLU A 498 -18.93 15.38 12.43
N LYS A 499 -18.14 16.31 12.94
CA LYS A 499 -16.75 16.06 13.25
C LYS A 499 -16.44 16.64 14.62
N GLN A 500 -15.51 16.06 15.34
CA GLN A 500 -15.15 16.45 16.69
C GLN A 500 -13.64 16.43 16.78
N PRO A 501 -13.08 17.13 17.80
CA PRO A 501 -11.65 17.17 17.97
C PRO A 501 -11.08 15.80 18.32
N LEU A 502 -9.86 15.55 17.83
CA LEU A 502 -9.12 14.35 18.09
C LEU A 502 -8.05 14.58 19.13
N HIS A 503 -7.53 13.45 19.60
CA HIS A 503 -6.32 13.39 20.41
C HIS A 503 -5.09 13.34 19.56
N ILE A 504 -4.52 14.53 19.27
CA ILE A 504 -3.42 14.71 18.34
C ILE A 504 -2.11 14.84 19.07
N PRO A 505 -1.23 13.83 18.91
CA PRO A 505 0.11 13.96 19.49
C PRO A 505 0.93 14.89 18.58
N PHE A 506 1.31 16.02 19.13
CA PHE A 506 1.93 17.14 18.37
C PHE A 506 3.32 17.38 18.85
N ALA A 507 4.29 16.79 18.18
CA ALA A 507 5.68 16.78 18.63
C ALA A 507 6.34 18.10 18.21
N ILE A 508 7.08 18.74 19.15
CA ILE A 508 7.83 19.97 18.78
C ILE A 508 9.30 19.85 19.18
N GLU A 509 10.11 20.77 18.63
CA GLU A 509 11.45 21.04 19.13
C GLU A 509 11.71 22.52 18.92
N LEU A 510 12.39 23.15 19.87
CA LEU A 510 12.65 24.62 19.78
C LEU A 510 14.17 24.87 19.61
N TYR A 511 14.57 25.74 18.66
CA TYR A 511 15.96 25.89 18.30
C TYR A 511 16.39 27.30 18.65
N ASP A 512 17.53 27.45 19.30
CA ASP A 512 18.07 28.80 19.55
C ASP A 512 18.82 29.34 18.29
N ASN A 513 19.45 30.53 18.41
CA ASN A 513 20.09 31.22 17.31
C ASN A 513 21.25 30.48 16.69
N GLU A 514 21.84 29.57 17.45
CA GLU A 514 22.96 28.77 17.04
C GLU A 514 22.58 27.40 16.62
N GLY A 515 21.30 27.08 16.58
CA GLY A 515 20.88 25.71 16.19
C GLY A 515 20.88 24.65 17.29
N LYS A 516 20.90 25.06 18.54
CA LYS A 516 20.88 24.16 19.70
C LYS A 516 19.47 24.08 20.21
N VAL A 517 19.11 22.89 20.66
CA VAL A 517 17.78 22.66 21.12
C VAL A 517 17.58 23.36 22.46
N ILE A 518 16.45 24.02 22.67
CA ILE A 518 16.13 24.70 23.90
C ILE A 518 15.35 23.68 24.76
N PRO A 519 15.79 23.46 26.03
CA PRO A 519 14.91 22.59 26.89
C PRO A 519 13.51 23.12 27.10
N LEU A 520 12.54 22.21 26.92
CA LEU A 520 11.15 22.47 27.19
C LEU A 520 10.91 22.33 28.64
N GLN A 521 10.31 23.38 29.24
CA GLN A 521 10.01 23.34 30.68
C GLN A 521 9.00 24.33 30.99
N LYS A 522 8.27 24.11 32.07
CA LYS A 522 7.32 25.02 32.53
C LYS A 522 7.24 24.96 34.07
N GLY A 523 7.42 26.11 34.73
CA GLY A 523 7.19 26.22 36.20
C GLY A 523 8.17 25.35 36.93
N GLY A 524 9.34 25.28 36.38
CA GLY A 524 10.43 24.53 36.94
C GLY A 524 10.46 23.04 36.71
N HIS A 525 9.63 22.54 35.79
CA HIS A 525 9.58 21.12 35.46
C HIS A 525 9.67 20.90 33.96
N PRO A 526 10.32 19.81 33.53
CA PRO A 526 10.42 19.44 32.11
C PRO A 526 9.06 19.14 31.58
N VAL A 527 8.88 19.44 30.29
CA VAL A 527 7.64 19.31 29.60
C VAL A 527 7.95 18.34 28.45
N ASN A 528 7.11 17.36 28.30
CA ASN A 528 7.35 16.34 27.25
C ASN A 528 7.17 17.08 25.88
N SER A 529 7.99 16.75 24.92
CA SER A 529 7.95 17.40 23.61
C SER A 529 6.80 16.93 22.73
N VAL A 530 6.11 15.86 23.14
CA VAL A 530 4.83 15.48 22.52
C VAL A 530 3.73 16.18 23.24
N LEU A 531 3.22 17.23 22.61
CA LEU A 531 2.11 17.96 23.18
C LEU A 531 0.75 17.25 22.89
N ASN A 532 -0.12 17.20 23.89
CA ASN A 532 -1.42 16.58 23.72
C ASN A 532 -2.44 17.59 23.28
N VAL A 533 -2.62 17.69 21.98
CA VAL A 533 -3.55 18.56 21.37
C VAL A 533 -4.91 17.88 21.29
N THR A 534 -5.74 18.14 22.31
CA THR A 534 -7.00 17.45 22.48
C THR A 534 -8.28 18.29 22.33
N GLN A 535 -8.10 19.61 22.25
CA GLN A 535 -9.23 20.56 22.16
C GLN A 535 -9.27 21.25 20.83
N ALA A 536 -10.36 21.97 20.56
CA ALA A 536 -10.46 22.81 19.37
C ALA A 536 -9.44 23.90 19.44
N GLU A 537 -9.16 24.35 20.64
CA GLU A 537 -8.14 25.40 20.78
C GLU A 537 -7.50 25.31 22.14
N GLN A 538 -6.19 25.48 22.23
CA GLN A 538 -5.50 25.42 23.52
CA GLN A 538 -5.44 25.30 23.48
C GLN A 538 -4.17 26.14 23.38
N THR A 539 -3.60 26.50 24.50
CA THR A 539 -2.34 27.20 24.56
CA THR A 539 -2.32 27.16 24.52
C THR A 539 -1.30 26.39 25.33
N PHE A 540 -0.07 26.38 24.86
CA PHE A 540 1.00 25.76 25.59
C PHE A 540 2.08 26.80 25.88
N VAL A 541 2.46 26.93 27.14
CA VAL A 541 3.47 27.92 27.55
C VAL A 541 4.73 27.24 28.04
N PHE A 542 5.87 27.72 27.53
CA PHE A 542 7.14 27.21 27.85
C PHE A 542 7.97 28.34 28.50
N ASP A 543 8.70 28.02 29.58
CA ASP A 543 9.42 29.02 30.42
CA ASP A 543 9.42 29.10 30.25
C ASP A 543 10.89 28.89 30.16
N ASN A 544 11.68 29.85 30.67
CA ASN A 544 13.12 29.69 30.50
C ASN A 544 13.49 29.51 29.03
N VAL A 545 12.79 30.25 28.17
CA VAL A 545 13.10 30.28 26.72
C VAL A 545 13.97 31.56 26.54
N TYR A 546 15.28 31.41 26.54
CA TYR A 546 16.33 32.44 26.65
CA TYR A 546 16.13 32.63 26.69
C TYR A 546 16.45 33.28 25.35
N PHE A 547 15.99 32.73 24.25
CA PHE A 547 16.13 33.33 22.94
C PHE A 547 14.88 33.05 22.12
N GLN A 548 14.51 33.98 21.24
CA GLN A 548 13.31 33.75 20.41
C GLN A 548 13.54 32.45 19.58
N PRO A 549 12.70 31.46 19.73
CA PRO A 549 13.06 30.24 19.04
C PRO A 549 12.63 30.14 17.58
N VAL A 550 13.26 29.25 16.87
CA VAL A 550 12.76 28.74 15.58
C VAL A 550 12.16 27.36 15.89
N PRO A 551 10.85 27.18 15.70
CA PRO A 551 10.27 25.86 16.09
C PRO A 551 10.35 24.85 14.98
N ALA A 552 10.49 23.59 15.32
CA ALA A 552 10.23 22.50 14.42
C ALA A 552 8.93 21.93 14.94
N LEU A 553 7.94 21.85 14.05
CA LEU A 553 6.56 21.51 14.40
C LEU A 553 6.13 20.19 13.73
N LEU A 554 5.29 19.45 14.44
CA LEU A 554 4.82 18.13 13.98
C LEU A 554 5.96 17.24 13.58
N CYS A 555 6.91 17.11 14.51
CA CYS A 555 8.19 16.42 14.22
C CYS A 555 7.91 14.95 13.84
N GLU A 556 8.64 14.48 12.85
CA GLU A 556 8.48 13.17 12.30
C GLU A 556 7.02 12.86 11.87
N PHE A 557 6.29 13.91 11.39
CA PHE A 557 4.87 13.81 11.04
C PHE A 557 4.15 13.09 12.15
N SER A 558 4.10 13.72 13.32
CA SER A 558 3.65 13.03 14.54
C SER A 558 2.19 12.74 14.60
N ALA A 559 1.41 13.35 13.72
CA ALA A 559 -0.05 13.01 13.55
C ALA A 559 -0.39 13.27 12.12
N PRO A 560 -1.38 12.57 11.58
CA PRO A 560 -1.65 12.67 10.16
C PRO A 560 -2.59 13.85 9.87
N VAL A 561 -1.97 15.03 9.87
CA VAL A 561 -2.74 16.27 9.84
C VAL A 561 -2.07 17.27 8.89
N LYS A 562 -2.85 18.21 8.37
CA LYS A 562 -2.33 19.38 7.70
C LYS A 562 -1.88 20.38 8.72
N LEU A 563 -0.75 21.02 8.51
CA LEU A 563 -0.27 22.03 9.48
C LEU A 563 -0.31 23.37 8.85
N GLU A 564 -0.93 24.33 9.53
CA GLU A 564 -0.96 25.74 9.10
C GLU A 564 -0.13 26.56 10.06
N TYR A 565 1.08 26.94 9.65
CA TYR A 565 1.90 27.84 10.46
C TYR A 565 2.55 28.78 9.47
N LYS A 566 2.68 30.06 9.82
CA LYS A 566 3.20 31.07 8.90
C LYS A 566 4.73 31.18 9.03
N TRP A 567 5.40 30.24 8.38
CA TRP A 567 6.83 30.10 8.32
C TRP A 567 7.44 31.26 7.53
N SER A 568 8.53 31.86 7.98
CA SER A 568 9.32 32.67 7.06
C SER A 568 10.27 31.78 6.25
N ASP A 569 10.73 32.28 5.09
CA ASP A 569 11.68 31.48 4.29
C ASP A 569 12.93 31.20 5.12
N GLN A 570 13.37 32.20 5.88
CA GLN A 570 14.61 32.05 6.64
C GLN A 570 14.48 30.99 7.77
N GLN A 571 13.31 30.92 8.37
CA GLN A 571 13.07 29.91 9.42
C GLN A 571 13.26 28.54 8.79
N LEU A 572 12.75 28.38 7.57
CA LEU A 572 12.81 27.08 6.87
C LEU A 572 14.22 26.73 6.45
N THR A 573 14.99 27.69 5.94
CA THR A 573 16.34 27.37 5.53
C THR A 573 17.21 27.14 6.75
N PHE A 574 16.89 27.79 7.83
CA PHE A 574 17.52 27.51 9.11
C PHE A 574 17.31 26.06 9.54
N LEU A 575 16.06 25.59 9.49
CA LEU A 575 15.80 24.18 9.83
C LEU A 575 16.53 23.25 8.90
N MET A 576 16.59 23.61 7.62
CA MET A 576 17.29 22.78 6.66
C MET A 576 18.76 22.66 7.00
N ARG A 577 19.34 23.68 7.66
CA ARG A 577 20.74 23.63 8.06
C ARG A 577 21.00 23.05 9.42
N HIS A 578 20.04 23.11 10.31
CA HIS A 578 20.28 22.81 11.70
C HIS A 578 19.42 21.76 12.34
N ALA A 579 18.28 21.40 11.74
CA ALA A 579 17.37 20.52 12.47
C ALA A 579 18.03 19.20 12.82
N ARG A 580 17.78 18.74 14.06
CA ARG A 580 18.42 17.52 14.57
C ARG A 580 17.95 16.29 13.81
N ASN A 581 16.64 16.14 13.53
CA ASN A 581 16.14 14.93 12.83
C ASN A 581 16.14 15.14 11.32
N ASP A 582 16.75 14.23 10.57
CA ASP A 582 16.78 14.36 9.12
C ASP A 582 15.42 14.60 8.51
N PHE A 583 14.39 13.98 9.08
CA PHE A 583 13.05 14.23 8.56
C PHE A 583 12.66 15.71 8.57
N SER A 584 12.99 16.42 9.67
CA SER A 584 12.68 17.83 9.80
C SER A 584 13.34 18.67 8.74
N ARG A 585 14.57 18.34 8.40
CA ARG A 585 15.26 19.05 7.29
C ARG A 585 14.50 18.92 5.95
N TRP A 586 14.07 17.70 5.65
CA TRP A 586 13.32 17.42 4.44
C TRP A 586 11.96 18.14 4.52
N ASP A 587 11.29 18.07 5.64
CA ASP A 587 9.96 18.65 5.80
C ASP A 587 10.04 20.21 5.64
N ALA A 588 11.10 20.85 6.19
CA ALA A 588 11.30 22.30 6.05
C ALA A 588 11.48 22.68 4.55
N ALA A 589 12.23 21.86 3.81
CA ALA A 589 12.40 22.01 2.39
C ALA A 589 11.07 21.89 1.65
N GLN A 590 10.19 21.03 2.12
CA GLN A 590 8.86 20.92 1.48
C GLN A 590 8.00 22.15 1.72
N SER A 591 8.01 22.70 2.91
CA SER A 591 7.25 23.83 3.20
C SER A 591 7.84 25.02 2.36
N LEU A 592 9.15 25.10 2.24
CA LEU A 592 9.79 26.20 1.47
C LEU A 592 9.30 26.15 0.02
N LEU A 593 9.32 24.94 -0.56
CA LEU A 593 8.90 24.78 -1.88
C LEU A 593 7.42 25.01 -2.11
N ALA A 594 6.59 24.61 -1.16
CA ALA A 594 5.14 24.71 -1.31
C ALA A 594 4.74 26.15 -1.70
N THR A 595 5.26 27.14 -0.96
CA THR A 595 4.98 28.55 -1.22
C THR A 595 5.19 28.92 -2.69
N TYR A 596 6.30 28.42 -3.25
CA TYR A 596 6.74 28.79 -4.58
C TYR A 596 6.10 27.94 -5.66
N ILE A 597 5.66 26.74 -5.32
CA ILE A 597 4.82 25.93 -6.21
C ILE A 597 3.47 26.61 -6.38
N LYS A 598 2.92 27.13 -5.29
CA LYS A 598 1.61 27.76 -5.35
C LYS A 598 1.71 29.10 -6.13
N LEU A 599 2.77 29.86 -5.82
CA LEU A 599 3.06 31.07 -6.57
C LEU A 599 3.07 30.84 -8.05
N ASN A 600 3.83 29.87 -8.50
CA ASN A 600 4.05 29.67 -9.89
C ASN A 600 2.92 28.98 -10.61
N VAL A 601 2.14 28.15 -9.91
CA VAL A 601 0.85 27.71 -10.55
C VAL A 601 -0.09 28.91 -10.90
N ALA A 602 -0.28 29.81 -9.97
CA ALA A 602 -1.11 31.01 -10.23
C ALA A 602 -0.49 31.82 -11.36
N ARG A 603 0.85 31.93 -11.44
CA ARG A 603 1.51 32.65 -12.53
C ARG A 603 1.25 31.93 -13.85
N HIS A 604 1.38 30.61 -13.85
CA HIS A 604 1.15 29.84 -15.08
C HIS A 604 -0.23 30.10 -15.65
N GLN A 605 -1.20 30.12 -14.80
CA GLN A 605 -2.59 30.32 -15.21
C GLN A 605 -2.79 31.73 -15.85
N GLN A 606 -1.88 32.67 -15.54
CA GLN A 606 -1.95 33.99 -16.14
C GLN A 606 -0.92 34.15 -17.23
N GLY A 607 -0.35 33.06 -17.70
CA GLY A 607 0.66 33.14 -18.74
C GLY A 607 2.06 33.69 -18.38
N GLN A 608 2.42 33.66 -17.12
CA GLN A 608 3.65 34.23 -16.67
C GLN A 608 4.67 33.13 -16.34
N PRO A 609 5.97 33.40 -16.57
CA PRO A 609 6.98 32.40 -16.37
C PRO A 609 7.37 32.25 -14.91
N LEU A 610 8.10 31.20 -14.63
CA LEU A 610 8.48 30.88 -13.27
C LEU A 610 9.26 32.05 -12.63
N SER A 611 8.97 32.34 -11.37
CA SER A 611 9.69 33.31 -10.54
C SER A 611 10.13 32.56 -9.26
N LEU A 612 11.38 32.66 -8.88
CA LEU A 612 11.87 31.99 -7.66
C LEU A 612 12.94 32.84 -7.08
N PRO A 613 12.82 33.17 -5.81
CA PRO A 613 13.89 34.01 -5.27
C PRO A 613 15.21 33.32 -5.24
N VAL A 614 16.27 34.09 -5.43
CA VAL A 614 17.63 33.54 -5.42
C VAL A 614 17.90 32.79 -4.13
N HIS A 615 17.46 33.32 -3.00
CA HIS A 615 17.79 32.64 -1.73
C HIS A 615 17.15 31.25 -1.61
N VAL A 616 16.11 30.97 -2.38
CA VAL A 616 15.51 29.60 -2.39
C VAL A 616 16.42 28.65 -3.13
N ALA A 617 16.85 29.05 -4.32
CA ALA A 617 17.80 28.24 -5.06
C ALA A 617 19.07 28.01 -4.23
N ASP A 618 19.51 29.03 -3.51
CA ASP A 618 20.71 28.88 -2.66
C ASP A 618 20.56 27.85 -1.57
N ALA A 619 19.35 27.70 -1.06
CA ALA A 619 19.13 26.69 -0.01
C ALA A 619 19.39 25.29 -0.55
N PHE A 620 18.97 25.02 -1.79
CA PHE A 620 19.20 23.71 -2.39
C PHE A 620 20.68 23.60 -2.82
N ARG A 621 21.30 24.71 -3.24
CA ARG A 621 22.73 24.67 -3.49
C ARG A 621 23.50 24.21 -2.24
N ALA A 622 23.14 24.76 -1.08
CA ALA A 622 23.80 24.44 0.15
C ALA A 622 23.66 22.94 0.50
N VAL A 623 22.51 22.36 0.13
CA VAL A 623 22.29 20.93 0.39
C VAL A 623 23.24 20.06 -0.44
N LEU A 624 23.39 20.44 -1.69
CA LEU A 624 24.28 19.76 -2.61
C LEU A 624 25.72 19.84 -2.15
N LEU A 625 26.13 20.98 -1.61
CA LEU A 625 27.49 21.12 -1.23
C LEU A 625 27.77 20.73 0.17
N ASP A 626 26.80 20.36 1.01
CA ASP A 626 27.10 20.06 2.43
C ASP A 626 27.60 18.61 2.56
N GLU A 627 28.88 18.45 2.85
CA GLU A 627 29.43 17.08 3.00
C GLU A 627 28.94 16.32 4.24
N LYS A 628 28.39 17.01 5.22
CA LYS A 628 27.97 16.34 6.45
C LYS A 628 26.53 15.76 6.34
N ILE A 629 25.78 16.12 5.31
CA ILE A 629 24.42 15.63 5.19
C ILE A 629 24.48 14.18 4.66
N ASP A 630 23.62 13.34 5.21
CA ASP A 630 23.55 11.95 4.66
C ASP A 630 23.09 12.02 3.21
N PRO A 631 23.79 11.38 2.30
CA PRO A 631 23.35 11.44 0.91
C PRO A 631 21.93 10.90 0.73
N ALA A 632 21.49 9.98 1.59
CA ALA A 632 20.11 9.50 1.54
C ALA A 632 19.11 10.65 1.73
N LEU A 633 19.40 11.52 2.68
CA LEU A 633 18.60 12.66 2.93
C LEU A 633 18.71 13.71 1.80
N ALA A 634 19.92 14.01 1.39
CA ALA A 634 20.09 14.98 0.31
C ALA A 634 19.34 14.59 -0.89
N ALA A 635 19.37 13.30 -1.27
CA ALA A 635 18.61 12.87 -2.42
C ALA A 635 17.13 13.17 -2.33
N GLU A 636 16.53 13.02 -1.17
CA GLU A 636 15.13 13.30 -0.97
C GLU A 636 14.80 14.80 -0.99
N ILE A 637 15.66 15.60 -0.39
CA ILE A 637 15.48 17.07 -0.47
C ILE A 637 15.55 17.51 -1.94
N LEU A 638 16.38 16.85 -2.72
CA LEU A 638 16.58 17.14 -4.16
C LEU A 638 15.60 16.40 -5.11
N THR A 639 14.61 15.73 -4.53
CA THR A 639 13.52 15.13 -5.29
C THR A 639 12.29 16.01 -5.09
N LEU A 640 11.82 16.65 -6.16
CA LEU A 640 10.67 17.55 -6.06
C LEU A 640 9.39 16.75 -5.76
N PRO A 641 8.47 17.38 -5.08
CA PRO A 641 7.14 16.75 -4.92
C PRO A 641 6.58 16.24 -6.22
N SER A 642 5.90 15.08 -6.19
CA SER A 642 5.24 14.57 -7.32
C SER A 642 4.03 15.46 -7.72
N VAL A 643 3.50 15.24 -8.90
CA VAL A 643 2.30 16.01 -9.33
C VAL A 643 1.11 15.72 -8.46
N ASN A 644 1.03 14.48 -7.94
CA ASN A 644 0.06 14.19 -6.87
C ASN A 644 0.26 14.88 -5.58
N GLU A 645 1.48 14.99 -5.11
CA GLU A 645 1.72 15.71 -3.93
C GLU A 645 1.45 17.23 -4.13
N MET A 646 1.81 17.76 -5.29
CA MET A 646 1.51 19.17 -5.61
C MET A 646 0.04 19.49 -5.65
N ALA A 647 -0.79 18.59 -6.19
CA ALA A 647 -2.25 18.76 -6.25
C ALA A 647 -2.87 19.06 -4.90
N GLU A 648 -2.33 18.44 -3.83
N GLU A 648 -2.36 18.46 -3.83
CA GLU A 648 -2.85 18.59 -2.44
CA GLU A 648 -2.98 18.63 -2.51
C GLU A 648 -2.75 20.03 -1.96
C GLU A 648 -2.63 19.98 -1.87
N LEU A 649 -1.81 20.77 -2.57
CA LEU A 649 -1.62 22.19 -2.14
C LEU A 649 -2.78 23.09 -2.55
N PHE A 650 -3.66 22.62 -3.45
CA PHE A 650 -4.59 23.49 -4.18
C PHE A 650 -6.04 23.17 -3.89
N ASP A 651 -6.86 24.21 -3.77
CA ASP A 651 -8.32 24.06 -3.61
C ASP A 651 -8.94 23.52 -4.87
N ILE A 652 -8.48 23.91 -6.01
CA ILE A 652 -8.97 23.37 -7.21
C ILE A 652 -7.74 22.96 -7.98
N ILE A 653 -7.77 21.74 -8.50
CA ILE A 653 -6.54 21.20 -9.12
C ILE A 653 -6.50 21.64 -10.57
N ASP A 654 -5.40 22.31 -10.97
CA ASP A 654 -5.08 22.56 -12.37
C ASP A 654 -3.94 21.64 -12.76
N PRO A 655 -4.25 20.46 -13.36
CA PRO A 655 -3.12 19.50 -13.54
C PRO A 655 -2.12 19.88 -14.61
N ILE A 656 -2.53 20.66 -15.60
CA ILE A 656 -1.63 21.16 -16.60
C ILE A 656 -0.69 22.18 -16.05
N ALA A 657 -1.18 23.17 -15.28
CA ALA A 657 -0.34 24.10 -14.58
C ALA A 657 0.65 23.42 -13.61
N ILE A 658 0.18 22.42 -12.86
CA ILE A 658 1.05 21.69 -11.95
C ILE A 658 2.18 21.01 -12.74
N ALA A 659 1.85 20.36 -13.84
CA ALA A 659 2.88 19.63 -14.57
C ALA A 659 3.90 20.58 -15.16
N GLU A 660 3.41 21.67 -15.74
CA GLU A 660 4.32 22.61 -16.38
C GLU A 660 5.20 23.32 -15.40
N VAL A 661 4.66 23.69 -14.25
CA VAL A 661 5.43 24.31 -13.17
C VAL A 661 6.48 23.35 -12.64
N ARG A 662 6.13 22.05 -12.52
CA ARG A 662 7.14 21.08 -12.04
C ARG A 662 8.31 21.00 -12.97
N GLU A 663 8.00 20.93 -14.26
CA GLU A 663 9.06 21.01 -15.26
C GLU A 663 9.86 22.32 -15.19
N ALA A 664 9.16 23.45 -15.09
CA ALA A 664 9.84 24.76 -15.12
C ALA A 664 10.74 24.90 -13.94
N LEU A 665 10.28 24.45 -12.78
CA LEU A 665 11.09 24.48 -11.59
C LEU A 665 12.33 23.60 -11.75
N THR A 666 12.13 22.41 -12.33
CA THR A 666 13.24 21.52 -12.57
C THR A 666 14.31 22.24 -13.43
N ARG A 667 13.88 22.82 -14.54
CA ARG A 667 14.74 23.54 -15.45
C ARG A 667 15.42 24.69 -14.82
N THR A 668 14.71 25.44 -13.99
CA THR A 668 15.31 26.60 -13.31
C THR A 668 16.43 26.20 -12.34
N LEU A 669 16.16 25.17 -11.52
CA LEU A 669 17.19 24.62 -10.67
C LEU A 669 18.35 24.01 -11.44
N ALA A 670 18.07 23.32 -12.52
CA ALA A 670 19.13 22.73 -13.28
C ALA A 670 20.08 23.85 -13.82
N THR A 671 19.50 24.93 -14.34
CA THR A 671 20.35 26.10 -14.81
C THR A 671 21.09 26.76 -13.65
N GLU A 672 20.44 27.09 -12.56
CA GLU A 672 21.09 27.79 -11.48
C GLU A 672 22.14 26.94 -10.81
N LEU A 673 21.91 25.60 -10.72
CA LEU A 673 22.82 24.71 -9.91
C LEU A 673 23.65 23.85 -10.81
N ALA A 674 23.79 24.19 -12.09
CA ALA A 674 24.37 23.26 -13.06
C ALA A 674 25.74 22.72 -12.69
N ASP A 675 26.60 23.61 -12.23
CA ASP A 675 28.00 23.22 -11.90
C ASP A 675 27.99 22.27 -10.69
N GLU A 676 27.24 22.61 -9.65
CA GLU A 676 27.18 21.83 -8.45
C GLU A 676 26.54 20.44 -8.72
N LEU A 677 25.49 20.40 -9.53
CA LEU A 677 24.84 19.19 -9.89
C LEU A 677 25.82 18.22 -10.56
N LEU A 678 26.62 18.74 -11.47
CA LEU A 678 27.49 17.87 -12.23
C LEU A 678 28.61 17.36 -11.35
N ALA A 679 29.06 18.24 -10.46
CA ALA A 679 30.10 17.88 -9.50
C ALA A 679 29.65 16.70 -8.58
N ILE A 680 28.45 16.79 -8.07
CA ILE A 680 27.89 15.78 -7.17
C ILE A 680 27.52 14.52 -7.92
N TYR A 681 27.00 14.64 -9.14
CA TYR A 681 26.78 13.52 -10.02
C TYR A 681 28.09 12.71 -10.16
N ASN A 682 29.17 13.44 -10.44
CA ASN A 682 30.44 12.76 -10.67
C ASN A 682 30.99 12.19 -9.41
N ALA A 683 30.87 12.88 -8.27
CA ALA A 683 31.49 12.45 -7.05
C ALA A 683 30.85 11.15 -6.55
N ASN A 684 29.60 10.86 -6.89
CA ASN A 684 28.91 9.70 -6.32
C ASN A 684 28.89 8.56 -7.29
N TYR A 685 29.66 8.68 -8.40
CA TYR A 685 29.85 7.53 -9.25
C TYR A 685 30.35 6.29 -8.43
N GLN A 686 29.80 5.11 -8.69
CA GLN A 686 30.25 3.84 -8.03
C GLN A 686 30.51 2.82 -9.09
N SER A 687 31.71 2.26 -9.14
CA SER A 687 31.95 1.25 -10.20
C SER A 687 31.41 -0.11 -9.79
N GLU A 688 31.43 -0.48 -8.53
CA GLU A 688 30.79 -1.72 -8.09
C GLU A 688 29.29 -1.42 -7.86
N TYR A 689 28.43 -2.32 -8.33
CA TYR A 689 27.03 -2.36 -7.87
C TYR A 689 26.80 -3.30 -6.71
N ARG A 690 26.26 -2.76 -5.65
CA ARG A 690 25.73 -3.51 -4.56
C ARG A 690 24.37 -3.07 -4.05
N VAL A 691 23.59 -4.04 -3.57
CA VAL A 691 22.33 -3.77 -2.91
C VAL A 691 22.61 -3.60 -1.44
N GLU A 692 23.20 -2.44 -1.09
CA GLU A 692 23.53 -2.12 0.24
CA GLU A 692 23.57 -2.08 0.25
C GLU A 692 23.12 -0.67 0.49
N HIS A 693 22.59 -0.41 1.67
CA HIS A 693 21.98 0.89 1.95
C HIS A 693 22.86 2.11 1.68
N GLU A 694 24.15 2.05 2.05
CA GLU A 694 25.02 3.22 1.76
C GLU A 694 25.14 3.45 0.29
N ASP A 695 25.30 2.37 -0.46
CA ASP A 695 25.43 2.42 -1.88
C ASP A 695 24.14 2.93 -2.59
N ILE A 696 23.02 2.41 -2.14
CA ILE A 696 21.72 2.85 -2.61
C ILE A 696 21.56 4.35 -2.41
N ALA A 697 21.99 4.90 -1.26
CA ALA A 697 21.80 6.33 -0.93
C ALA A 697 22.64 7.16 -1.91
N LYS A 698 23.92 6.75 -2.08
CA LYS A 698 24.75 7.41 -3.07
C LYS A 698 24.17 7.41 -4.49
N ARG A 699 23.62 6.28 -4.94
CA ARG A 699 22.96 6.20 -6.26
C ARG A 699 21.78 7.06 -6.31
N THR A 700 20.99 7.09 -5.23
CA THR A 700 19.77 7.94 -5.25
C THR A 700 20.15 9.41 -5.39
N LEU A 701 21.23 9.81 -4.72
CA LEU A 701 21.75 11.19 -4.90
C LEU A 701 22.23 11.49 -6.31
N ARG A 702 23.07 10.63 -6.83
CA ARG A 702 23.60 10.77 -8.12
C ARG A 702 22.45 10.82 -9.15
N ASN A 703 21.45 9.96 -9.00
CA ASN A 703 20.33 9.96 -9.97
C ASN A 703 19.33 11.15 -9.81
N ALA A 704 19.24 11.67 -8.61
CA ALA A 704 18.49 12.93 -8.35
C ALA A 704 19.19 14.06 -9.09
N CYS A 705 20.53 14.08 -9.01
CA CYS A 705 21.34 15.03 -9.83
C CYS A 705 21.13 14.88 -11.32
N LEU A 706 21.13 13.65 -11.81
CA LEU A 706 20.91 13.40 -13.22
C LEU A 706 19.58 13.93 -13.70
N ARG A 707 18.56 13.82 -12.86
CA ARG A 707 17.24 14.25 -13.31
C ARG A 707 17.26 15.79 -13.67
N PHE A 708 17.91 16.57 -12.83
CA PHE A 708 18.06 18.00 -13.13
C PHE A 708 18.97 18.22 -14.38
N LEU A 709 20.09 17.52 -14.43
CA LEU A 709 21.02 17.68 -15.51
C LEU A 709 20.37 17.33 -16.83
N ALA A 710 19.42 16.39 -16.85
CA ALA A 710 18.69 16.08 -18.06
C ALA A 710 17.96 17.28 -18.66
N PHE A 711 17.64 18.22 -17.79
CA PHE A 711 16.88 19.44 -18.16
C PHE A 711 17.77 20.63 -18.26
N GLY A 712 19.07 20.41 -18.45
CA GLY A 712 19.98 21.50 -18.69
C GLY A 712 20.22 21.61 -20.16
N GLU A 713 21.39 22.13 -20.50
CA GLU A 713 21.66 22.36 -21.89
C GLU A 713 21.57 21.04 -22.62
N THR A 714 20.92 21.06 -23.79
CA THR A 714 20.39 19.85 -24.41
C THR A 714 21.44 18.90 -24.84
N HIS A 715 22.49 19.42 -25.48
CA HIS A 715 23.55 18.54 -25.94
C HIS A 715 24.30 17.86 -24.80
N LEU A 716 24.70 18.60 -23.76
CA LEU A 716 25.35 17.98 -22.61
C LEU A 716 24.41 16.95 -21.97
N ALA A 717 23.10 17.27 -21.90
CA ALA A 717 22.12 16.40 -21.25
C ALA A 717 22.02 15.09 -22.01
N ASP A 718 21.89 15.19 -23.33
CA ASP A 718 21.73 14.06 -24.20
C ASP A 718 22.90 13.11 -24.10
N VAL A 719 24.08 13.66 -24.06
CA VAL A 719 25.30 12.85 -23.94
C VAL A 719 25.39 12.14 -22.60
N LEU A 720 25.18 12.87 -21.52
CA LEU A 720 25.23 12.35 -20.17
C LEU A 720 24.18 11.21 -19.99
N VAL A 721 22.97 11.43 -20.49
CA VAL A 721 21.88 10.49 -20.27
C VAL A 721 22.10 9.24 -21.08
N SER A 722 22.41 9.42 -22.39
CA SER A 722 22.73 8.31 -23.26
C SER A 722 23.90 7.46 -22.75
N LYS A 723 24.93 8.12 -22.26
CA LYS A 723 26.09 7.38 -21.73
C LYS A 723 25.74 6.55 -20.47
N GLN A 724 24.96 7.13 -19.57
CA GLN A 724 24.61 6.37 -18.38
C GLN A 724 23.75 5.17 -18.76
N PHE A 725 22.83 5.33 -19.69
CA PHE A 725 22.00 4.18 -20.16
C PHE A 725 22.82 3.05 -20.76
N HIS A 726 23.77 3.43 -21.61
CA HIS A 726 24.65 2.45 -22.26
C HIS A 726 25.72 1.87 -21.37
N GLU A 727 26.18 2.59 -20.40
CA GLU A 727 27.29 2.11 -19.59
C GLU A 727 26.86 1.55 -18.25
N ALA A 728 25.62 1.77 -17.81
CA ALA A 728 25.11 1.21 -16.53
C ALA A 728 25.38 -0.28 -16.37
N ASN A 729 25.76 -0.71 -15.17
CA ASN A 729 25.91 -2.14 -14.88
C ASN A 729 24.80 -2.68 -14.00
N ASN A 730 23.64 -2.00 -14.01
CA ASN A 730 22.52 -2.35 -13.17
C ASN A 730 21.32 -1.62 -13.66
N MET A 731 20.16 -2.20 -13.38
CA MET A 731 18.91 -1.62 -13.90
C MET A 731 18.57 -0.30 -13.22
N THR A 732 19.03 -0.04 -12.02
CA THR A 732 18.73 1.26 -11.33
C THR A 732 19.21 2.43 -12.17
N ASP A 733 20.46 2.34 -12.57
CA ASP A 733 21.10 3.43 -13.33
C ASP A 733 20.60 3.47 -14.74
N ALA A 734 20.33 2.32 -15.36
CA ALA A 734 19.79 2.30 -16.71
C ALA A 734 18.43 2.95 -16.75
N LEU A 735 17.53 2.59 -15.81
CA LEU A 735 16.15 3.13 -15.82
C LEU A 735 16.14 4.62 -15.48
N ALA A 736 16.98 5.04 -14.53
CA ALA A 736 17.12 6.45 -14.23
C ALA A 736 17.46 7.27 -15.45
N ALA A 737 18.38 6.77 -16.28
CA ALA A 737 18.70 7.48 -17.53
C ALA A 737 17.55 7.45 -18.54
N LEU A 738 17.00 6.28 -18.75
CA LEU A 738 15.85 6.16 -19.60
C LEU A 738 14.71 7.09 -19.21
N SER A 739 14.42 7.11 -17.92
CA SER A 739 13.34 7.89 -17.43
C SER A 739 13.64 9.42 -17.65
N ALA A 740 14.88 9.86 -17.48
CA ALA A 740 15.23 11.26 -17.73
C ALA A 740 15.15 11.59 -19.23
N ALA A 741 15.52 10.65 -20.10
CA ALA A 741 15.37 10.87 -21.57
C ALA A 741 13.91 11.13 -21.92
N VAL A 742 13.03 10.37 -21.29
CA VAL A 742 11.60 10.60 -21.48
C VAL A 742 11.12 11.91 -20.90
N ALA A 743 11.49 12.18 -19.65
CA ALA A 743 11.02 13.35 -18.94
C ALA A 743 11.38 14.66 -19.67
N ALA A 744 12.62 14.69 -20.20
CA ALA A 744 13.16 15.89 -20.85
C ALA A 744 13.02 15.86 -22.33
N GLN A 745 12.42 14.82 -22.87
CA GLN A 745 12.19 14.69 -24.29
C GLN A 745 13.52 14.84 -25.03
N LEU A 746 14.55 14.16 -24.56
CA LEU A 746 15.86 14.38 -25.19
C LEU A 746 15.96 13.65 -26.56
N PRO A 747 16.88 14.13 -27.43
CA PRO A 747 17.05 13.53 -28.75
C PRO A 747 17.21 11.99 -28.72
N CYS A 748 17.94 11.45 -27.75
CA CYS A 748 18.24 9.99 -27.68
C CYS A 748 17.00 9.16 -27.26
N ARG A 749 15.94 9.81 -26.80
CA ARG A 749 14.82 9.08 -26.19
C ARG A 749 14.28 7.93 -27.04
N ASP A 750 13.99 8.17 -28.29
CA ASP A 750 13.36 7.12 -29.08
C ASP A 750 14.28 5.93 -29.32
N ALA A 751 15.56 6.22 -29.56
CA ALA A 751 16.52 5.15 -29.73
C ALA A 751 16.66 4.35 -28.41
N LEU A 752 16.78 5.01 -27.26
CA LEU A 752 16.93 4.21 -25.98
C LEU A 752 15.66 3.36 -25.67
N MET A 753 14.47 3.90 -25.94
CA MET A 753 13.22 3.26 -25.65
C MET A 753 13.10 2.05 -26.54
N GLN A 754 13.53 2.16 -27.81
CA GLN A 754 13.50 1.03 -28.68
C GLN A 754 14.55 -0.02 -28.25
N GLU A 755 15.74 0.40 -27.90
CA GLU A 755 16.69 -0.57 -27.38
C GLU A 755 16.17 -1.41 -26.19
N TYR A 756 15.55 -0.74 -25.24
CA TYR A 756 14.93 -1.43 -24.11
C TYR A 756 13.86 -2.39 -24.54
N ASP A 757 12.88 -1.98 -25.37
CA ASP A 757 11.90 -2.92 -25.88
C ASP A 757 12.59 -4.15 -26.56
N ASP A 758 13.51 -3.89 -27.45
CA ASP A 758 14.18 -5.01 -28.15
C ASP A 758 14.90 -5.96 -27.20
N LYS A 759 15.46 -5.44 -26.13
CA LYS A 759 16.16 -6.31 -25.23
C LYS A 759 15.20 -7.06 -24.28
N TRP A 760 14.16 -6.36 -23.79
CA TRP A 760 13.40 -6.84 -22.64
C TRP A 760 11.95 -7.24 -22.91
N HIS A 761 11.49 -7.15 -24.15
CA HIS A 761 10.04 -7.38 -24.46
C HIS A 761 9.45 -8.72 -23.97
N GLN A 762 10.29 -9.73 -23.77
CA GLN A 762 9.81 -11.05 -23.31
C GLN A 762 9.64 -11.10 -21.80
N ASN A 763 10.03 -10.03 -21.09
CA ASN A 763 10.03 -10.02 -19.67
C ASN A 763 8.99 -8.98 -19.19
N GLY A 764 7.80 -9.44 -18.81
CA GLY A 764 6.71 -8.50 -18.52
C GLY A 764 7.07 -7.60 -17.35
N LEU A 765 7.77 -8.10 -16.32
CA LEU A 765 8.02 -7.24 -15.17
C LEU A 765 8.94 -6.10 -15.53
N VAL A 766 9.91 -6.40 -16.36
CA VAL A 766 10.83 -5.38 -16.78
C VAL A 766 10.11 -4.41 -17.76
N MET A 767 9.25 -4.93 -18.59
CA MET A 767 8.50 -4.05 -19.54
C MET A 767 7.49 -3.14 -18.80
N ASP A 768 7.06 -3.54 -17.61
CA ASP A 768 6.18 -2.67 -16.85
C ASP A 768 6.84 -1.35 -16.65
N LYS A 769 8.15 -1.32 -16.36
CA LYS A 769 8.84 -0.02 -16.15
C LYS A 769 8.75 0.89 -17.40
N TRP A 770 8.82 0.29 -18.54
CA TRP A 770 8.75 1.00 -19.84
C TRP A 770 7.37 1.45 -20.15
N PHE A 771 6.39 0.60 -19.85
CA PHE A 771 4.96 1.02 -20.01
C PHE A 771 4.68 2.24 -19.12
N ILE A 772 5.22 2.26 -17.92
CA ILE A 772 5.02 3.40 -17.02
C ILE A 772 5.63 4.71 -17.58
N LEU A 773 6.87 4.61 -18.11
CA LEU A 773 7.47 5.74 -18.79
C LEU A 773 6.63 6.19 -20.00
N GLN A 774 6.12 5.25 -20.79
CA GLN A 774 5.26 5.65 -21.90
C GLN A 774 4.02 6.40 -21.42
N ALA A 775 3.39 5.83 -20.39
CA ALA A 775 2.16 6.40 -19.82
C ALA A 775 2.32 7.74 -19.14
N THR A 776 3.49 8.03 -18.54
CA THR A 776 3.73 9.23 -17.84
C THR A 776 4.52 10.26 -18.67
N SER A 777 4.66 9.99 -19.98
CA SER A 777 5.50 10.83 -20.84
C SER A 777 4.86 12.22 -20.99
N PRO A 778 5.66 13.27 -20.96
CA PRO A 778 5.18 14.61 -21.23
C PRO A 778 4.90 14.90 -22.71
N ALA A 779 5.18 13.98 -23.59
CA ALA A 779 5.01 14.20 -25.03
C ALA A 779 3.58 14.55 -25.37
N ALA A 780 3.41 15.41 -26.39
CA ALA A 780 2.07 15.89 -26.75
C ALA A 780 1.16 14.72 -27.22
N ASN A 781 1.73 13.71 -27.83
CA ASN A 781 0.98 12.63 -28.38
C ASN A 781 0.90 11.38 -27.45
N VAL A 782 1.02 11.63 -26.14
CA VAL A 782 1.12 10.46 -25.19
C VAL A 782 -0.13 9.57 -25.29
N LEU A 783 -1.35 10.14 -25.43
CA LEU A 783 -2.52 9.27 -25.49
C LEU A 783 -2.52 8.40 -26.70
N GLU A 784 -2.12 8.96 -27.82
CA GLU A 784 -2.06 8.18 -29.03
C GLU A 784 -1.08 7.02 -28.82
N THR A 785 0.06 7.30 -28.21
CA THR A 785 1.08 6.24 -27.97
C THR A 785 0.56 5.10 -27.05
N VAL A 786 -0.03 5.50 -25.95
CA VAL A 786 -0.69 4.59 -24.98
C VAL A 786 -1.77 3.71 -25.62
N ARG A 787 -2.65 4.29 -26.43
CA ARG A 787 -3.63 3.49 -27.11
C ARG A 787 -2.99 2.45 -28.05
N GLY A 788 -1.95 2.87 -28.75
CA GLY A 788 -1.21 2.02 -29.67
C GLY A 788 -0.53 0.86 -28.93
N LEU A 789 -0.08 1.13 -27.70
CA LEU A 789 0.52 0.09 -26.87
C LEU A 789 -0.45 -0.93 -26.31
N LEU A 790 -1.77 -0.73 -26.46
CA LEU A 790 -2.70 -1.81 -26.21
C LEU A 790 -2.47 -2.99 -27.10
N GLN A 791 -1.79 -2.81 -28.22
CA GLN A 791 -1.51 -3.91 -29.16
C GLN A 791 -0.03 -4.30 -29.01
N HIS A 792 0.71 -3.75 -28.06
CA HIS A 792 2.14 -4.09 -27.98
C HIS A 792 2.29 -5.60 -27.64
N ARG A 793 3.33 -6.21 -28.16
CA ARG A 793 3.71 -7.65 -27.90
C ARG A 793 3.87 -7.99 -26.41
N SER A 794 4.21 -7.01 -25.59
CA SER A 794 4.36 -7.25 -24.15
C SER A 794 3.16 -6.90 -23.33
N PHE A 795 2.12 -6.33 -23.96
CA PHE A 795 0.93 -5.93 -23.18
C PHE A 795 -0.16 -6.98 -23.26
N THR A 796 -0.91 -7.18 -22.18
CA THR A 796 -2.17 -7.91 -22.32
C THR A 796 -3.18 -7.46 -21.31
N MET A 797 -4.43 -7.34 -21.75
CA MET A 797 -5.52 -6.93 -20.89
C MET A 797 -5.76 -7.99 -19.79
N SER A 798 -5.26 -9.20 -19.97
CA SER A 798 -5.53 -10.32 -19.06
C SER A 798 -4.62 -10.26 -17.78
N ASN A 799 -3.67 -9.33 -17.74
CA ASN A 799 -2.64 -9.34 -16.68
C ASN A 799 -2.72 -8.02 -15.88
N PRO A 800 -3.10 -8.08 -14.62
CA PRO A 800 -3.23 -6.91 -13.77
C PRO A 800 -2.00 -6.01 -13.76
N ASN A 801 -0.80 -6.59 -13.76
CA ASN A 801 0.37 -5.76 -13.71
C ASN A 801 0.49 -4.94 -15.01
N ARG A 802 0.21 -5.55 -16.15
CA ARG A 802 0.30 -4.79 -17.40
C ARG A 802 -0.74 -3.66 -17.41
N ILE A 803 -1.96 -3.98 -16.98
CA ILE A 803 -3.01 -2.97 -16.87
C ILE A 803 -2.56 -1.80 -16.04
N ARG A 804 -2.08 -2.11 -14.85
CA ARG A 804 -1.65 -1.07 -13.96
C ARG A 804 -0.50 -0.24 -14.49
N SER A 805 0.42 -0.90 -15.16
CA SER A 805 1.61 -0.22 -15.73
C SER A 805 1.37 0.72 -16.92
N LEU A 806 0.39 0.39 -17.79
CA LEU A 806 0.12 1.23 -18.95
C LEU A 806 -1.09 2.12 -18.67
N ILE A 807 -2.19 1.50 -18.32
CA ILE A 807 -3.44 2.21 -18.16
C ILE A 807 -3.56 2.94 -16.84
N GLY A 808 -3.23 2.26 -15.71
CA GLY A 808 -3.31 2.89 -14.40
C GLY A 808 -2.35 4.08 -14.25
N ALA A 809 -1.16 3.91 -14.84
CA ALA A 809 -0.13 4.91 -14.72
C ALA A 809 -0.57 6.14 -15.51
N PHE A 810 -1.22 5.92 -16.65
CA PHE A 810 -1.70 7.06 -17.45
C PHE A 810 -2.73 7.85 -16.66
N ALA A 811 -3.75 7.17 -16.18
CA ALA A 811 -4.83 7.84 -15.47
C ALA A 811 -4.46 8.45 -14.11
N GLY A 812 -3.66 7.76 -13.36
CA GLY A 812 -3.27 8.10 -11.99
C GLY A 812 -2.02 8.96 -11.90
N SER A 813 -1.07 8.74 -12.78
CA SER A 813 0.23 9.38 -12.70
C SER A 813 0.56 10.33 -13.85
N ASN A 814 -0.33 10.44 -14.82
CA ASN A 814 -0.21 11.53 -15.79
C ASN A 814 -1.49 12.37 -15.79
N PRO A 815 -1.80 13.02 -14.66
CA PRO A 815 -3.10 13.75 -14.65
C PRO A 815 -3.14 14.84 -15.72
N ALA A 816 -1.99 15.41 -16.09
CA ALA A 816 -2.01 16.42 -17.16
C ALA A 816 -2.62 15.90 -18.47
N ALA A 817 -2.26 14.71 -18.87
CA ALA A 817 -2.81 14.06 -20.04
C ALA A 817 -4.15 13.45 -19.81
N PHE A 818 -4.32 12.82 -18.66
CA PHE A 818 -5.60 12.24 -18.33
C PHE A 818 -6.70 13.32 -18.38
N HIS A 819 -6.33 14.50 -17.91
CA HIS A 819 -7.25 15.63 -17.81
C HIS A 819 -7.09 16.61 -18.99
N ALA A 820 -6.70 16.08 -20.13
CA ALA A 820 -6.60 16.85 -21.35
C ALA A 820 -7.95 17.54 -21.54
N GLU A 821 -7.89 18.82 -21.89
CA GLU A 821 -9.11 19.66 -21.99
C GLU A 821 -10.17 19.14 -22.96
N ASP A 822 -9.75 18.43 -24.01
CA ASP A 822 -10.70 17.80 -24.94
C ASP A 822 -11.43 16.60 -24.38
N GLY A 823 -11.11 16.16 -23.16
CA GLY A 823 -11.79 15.00 -22.58
C GLY A 823 -11.40 13.61 -23.08
N SER A 824 -10.40 13.59 -23.92
CA SER A 824 -9.91 12.37 -24.53
C SER A 824 -9.41 11.33 -23.47
N GLY A 825 -8.83 11.78 -22.35
CA GLY A 825 -8.34 10.84 -21.30
C GLY A 825 -9.53 10.13 -20.71
N TYR A 826 -10.59 10.89 -20.44
CA TYR A 826 -11.76 10.29 -19.83
C TYR A 826 -12.38 9.25 -20.74
N LEU A 827 -12.46 9.53 -22.04
CA LEU A 827 -13.10 8.66 -22.99
C LEU A 827 -12.31 7.39 -23.08
N PHE A 828 -11.00 7.51 -23.01
CA PHE A 828 -10.11 6.36 -23.12
C PHE A 828 -10.34 5.45 -21.87
N LEU A 829 -10.40 6.08 -20.69
CA LEU A 829 -10.63 5.30 -19.45
C LEU A 829 -12.02 4.62 -19.47
N VAL A 830 -13.04 5.32 -19.98
CA VAL A 830 -14.36 4.66 -20.14
C VAL A 830 -14.23 3.38 -20.97
N GLU A 831 -13.56 3.44 -22.10
CA GLU A 831 -13.42 2.25 -22.89
C GLU A 831 -12.72 1.16 -22.12
N MET A 832 -11.65 1.50 -21.41
CA MET A 832 -10.92 0.44 -20.74
C MET A 832 -11.77 -0.17 -19.61
N LEU A 833 -12.46 0.69 -18.88
CA LEU A 833 -13.31 0.27 -17.80
C LEU A 833 -14.51 -0.57 -18.28
N THR A 834 -15.04 -0.28 -19.48
CA THR A 834 -16.11 -1.03 -20.02
C THR A 834 -15.65 -2.52 -20.20
N ASP A 835 -14.38 -2.72 -20.55
CA ASP A 835 -13.84 -4.07 -20.69
C ASP A 835 -13.65 -4.63 -19.29
N LEU A 836 -12.96 -3.89 -18.47
CA LEU A 836 -12.50 -4.43 -17.14
C LEU A 836 -13.64 -4.63 -16.16
N ASN A 837 -14.69 -3.83 -16.22
CA ASN A 837 -15.85 -4.09 -15.42
C ASN A 837 -16.32 -5.55 -15.48
N SER A 838 -16.26 -6.18 -16.67
CA SER A 838 -16.71 -7.54 -16.89
C SER A 838 -15.53 -8.51 -16.68
N ARG A 839 -14.32 -8.13 -17.06
CA ARG A 839 -13.15 -9.07 -16.95
C ARG A 839 -12.65 -9.18 -15.50
N ASN A 840 -12.45 -8.03 -14.83
CA ASN A 840 -11.71 -8.01 -13.57
C ASN A 840 -12.11 -6.80 -12.77
N PRO A 841 -13.19 -6.94 -12.03
CA PRO A 841 -13.74 -5.78 -11.33
C PRO A 841 -12.82 -5.20 -10.32
N GLN A 842 -12.00 -6.01 -9.65
CA GLN A 842 -11.07 -5.44 -8.66
C GLN A 842 -10.06 -4.49 -9.30
N VAL A 843 -9.51 -4.88 -10.44
CA VAL A 843 -8.62 -4.04 -11.18
C VAL A 843 -9.35 -2.81 -11.78
N ALA A 844 -10.57 -3.01 -12.26
CA ALA A 844 -11.38 -1.91 -12.75
C ALA A 844 -11.59 -0.86 -11.67
N SER A 845 -11.88 -1.32 -10.45
CA SER A 845 -12.22 -0.41 -9.40
C SER A 845 -11.03 0.44 -8.91
N ARG A 846 -9.84 -0.13 -8.96
CA ARG A 846 -8.64 0.70 -8.66
C ARG A 846 -8.47 1.72 -9.79
N LEU A 847 -8.75 1.32 -11.01
CA LEU A 847 -8.54 2.22 -12.16
C LEU A 847 -9.55 3.37 -12.29
N ILE A 848 -10.75 3.21 -11.77
CA ILE A 848 -11.74 4.29 -11.82
C ILE A 848 -11.44 5.42 -10.85
N GLU A 849 -10.51 5.23 -9.91
CA GLU A 849 -10.33 6.20 -8.87
C GLU A 849 -10.09 7.64 -9.38
N PRO A 850 -9.31 7.80 -10.44
CA PRO A 850 -9.05 9.20 -10.95
C PRO A 850 -10.29 9.96 -11.39
N LEU A 851 -11.31 9.23 -11.79
CA LEU A 851 -12.57 9.82 -12.21
C LEU A 851 -13.42 10.19 -11.08
N ILE A 852 -13.25 9.55 -9.96
CA ILE A 852 -14.09 9.91 -8.83
C ILE A 852 -13.66 11.17 -8.06
N ARG A 853 -12.52 11.72 -8.45
CA ARG A 853 -12.04 12.98 -7.96
C ARG A 853 -12.53 14.24 -8.67
N LEU A 854 -13.58 14.10 -9.45
CA LEU A 854 -14.09 15.20 -10.31
C LEU A 854 -14.33 16.52 -9.63
N LYS A 855 -14.78 16.53 -8.37
CA LYS A 855 -15.17 17.79 -7.78
C LYS A 855 -13.96 18.62 -7.41
N ARG A 856 -12.74 18.07 -7.54
CA ARG A 856 -11.54 18.83 -7.34
C ARG A 856 -11.18 19.63 -8.58
N TYR A 857 -11.86 19.46 -9.72
CA TYR A 857 -11.40 20.04 -10.99
C TYR A 857 -12.39 21.17 -11.39
N ASP A 858 -12.07 21.87 -12.45
CA ASP A 858 -12.87 23.06 -12.85
C ASP A 858 -14.15 22.54 -13.48
N ALA A 859 -15.10 23.45 -13.68
CA ALA A 859 -16.44 23.03 -14.09
C ALA A 859 -16.51 22.31 -15.39
N LYS A 860 -15.75 22.67 -16.38
CA LYS A 860 -15.88 21.98 -17.62
C LYS A 860 -15.32 20.56 -17.61
N ARG A 861 -14.18 20.39 -16.95
CA ARG A 861 -13.71 19.03 -16.59
C ARG A 861 -14.72 18.26 -15.78
N GLN A 862 -15.31 18.86 -14.75
CA GLN A 862 -16.35 18.12 -14.01
C GLN A 862 -17.46 17.64 -14.86
N GLU A 863 -17.92 18.49 -15.79
CA GLU A 863 -19.01 18.06 -16.67
C GLU A 863 -18.63 16.83 -17.50
N LYS A 864 -17.42 16.83 -18.04
CA LYS A 864 -16.97 15.71 -18.88
C LYS A 864 -16.77 14.41 -18.04
N MET A 865 -16.31 14.59 -16.81
CA MET A 865 -15.99 13.42 -15.96
C MET A 865 -17.32 12.84 -15.50
N ARG A 866 -18.31 13.71 -15.23
CA ARG A 866 -19.64 13.30 -14.80
C ARG A 866 -20.33 12.54 -15.92
N ALA A 867 -20.18 13.00 -17.16
CA ALA A 867 -20.70 12.29 -18.34
C ALA A 867 -20.09 10.88 -18.51
N ALA A 868 -18.80 10.79 -18.28
CA ALA A 868 -18.10 9.48 -18.27
C ALA A 868 -18.59 8.58 -17.20
N LEU A 869 -18.78 9.08 -16.01
CA LEU A 869 -19.30 8.26 -14.90
C LEU A 869 -20.73 7.81 -15.23
N GLU A 870 -21.52 8.71 -15.83
CA GLU A 870 -22.94 8.36 -16.13
C GLU A 870 -22.96 7.25 -17.19
N GLN A 871 -22.02 7.27 -18.13
CA GLN A 871 -21.92 6.21 -19.12
C GLN A 871 -21.64 4.82 -18.49
N LEU A 872 -20.66 4.80 -17.59
CA LEU A 872 -20.34 3.59 -16.83
C LEU A 872 -21.49 3.19 -15.91
N LYS A 873 -22.21 4.12 -15.26
CA LYS A 873 -23.39 3.76 -14.45
C LYS A 873 -24.42 2.97 -15.24
N GLY A 874 -24.49 3.24 -16.51
CA GLY A 874 -25.47 2.60 -17.35
C GLY A 874 -25.00 1.30 -17.96
N LEU A 875 -23.79 0.81 -17.64
CA LEU A 875 -23.35 -0.49 -18.17
C LEU A 875 -24.27 -1.62 -17.81
N GLU A 876 -24.48 -2.48 -18.80
CA GLU A 876 -25.11 -3.73 -18.57
C GLU A 876 -24.16 -4.53 -17.64
N ASN A 877 -24.70 -5.17 -16.64
CA ASN A 877 -23.92 -5.98 -15.71
C ASN A 877 -22.81 -5.17 -15.01
N LEU A 878 -23.16 -3.99 -14.51
CA LEU A 878 -22.24 -3.16 -13.76
C LEU A 878 -21.84 -3.92 -12.50
N SER A 879 -20.57 -4.01 -12.24
CA SER A 879 -20.14 -4.69 -11.07
C SER A 879 -20.47 -3.89 -9.82
N GLY A 880 -20.65 -4.59 -8.69
CA GLY A 880 -20.85 -3.90 -7.38
C GLY A 880 -19.64 -3.03 -7.05
N ASP A 881 -18.44 -3.49 -7.44
CA ASP A 881 -17.16 -2.77 -7.20
C ASP A 881 -17.25 -1.36 -7.76
N LEU A 882 -17.61 -1.24 -9.05
CA LEU A 882 -17.71 0.05 -9.72
C LEU A 882 -18.94 0.83 -9.25
N TYR A 883 -20.02 0.10 -9.01
CA TYR A 883 -21.32 0.75 -8.63
C TYR A 883 -21.15 1.61 -7.38
N GLU A 884 -20.48 1.07 -6.37
CA GLU A 884 -20.21 1.77 -5.11
C GLU A 884 -19.50 3.09 -5.30
N LYS A 885 -18.42 3.05 -6.09
CA LYS A 885 -17.61 4.25 -6.37
C LYS A 885 -18.41 5.26 -7.24
N ILE A 886 -19.04 4.78 -8.27
CA ILE A 886 -19.79 5.68 -9.22
C ILE A 886 -20.91 6.39 -8.48
N THR A 887 -21.62 5.65 -7.66
CA THR A 887 -22.79 6.25 -6.96
C THR A 887 -22.32 7.38 -6.00
N LYS A 888 -21.22 7.13 -5.26
CA LYS A 888 -20.60 8.15 -4.41
C LYS A 888 -20.13 9.34 -5.23
N ALA A 889 -19.49 9.13 -6.36
CA ALA A 889 -18.99 10.21 -7.19
C ALA A 889 -20.03 11.11 -7.81
N LEU A 890 -21.17 10.53 -8.15
CA LEU A 890 -22.23 11.22 -8.85
C LEU A 890 -23.22 11.85 -7.85
N ALA A 891 -23.04 11.61 -6.57
CA ALA A 891 -23.87 12.23 -5.53
C ALA A 891 -23.68 13.76 -5.43
#